data_6ESY
#
_entry.id   6ESY
#
_cell.length_a   74.270
_cell.length_b   79.250
_cell.length_c   228.920
_cell.angle_alpha   90.00
_cell.angle_beta   90.00
_cell.angle_gamma   90.00
#
_symmetry.space_group_name_H-M   'P 21 21 21'
#
loop_
_entity.id
_entity.type
_entity.pdbx_description
1 polymer Cholinesterase
2 branched 2-acetamido-2-deoxy-beta-D-glucopyranose-(1-4)-[alpha-L-fucopyranose-(1-6)]2-acetamido-2-deoxy-beta-D-glucopyranose
3 branched 2-acetamido-2-deoxy-beta-D-glucopyranose-(1-4)-2-acetamido-2-deoxy-beta-D-glucopyranose
4 branched alpha-L-fucopyranose-(1-6)-2-acetamido-2-deoxy-beta-D-glucopyranose
5 non-polymer 2-acetamido-2-deoxy-beta-D-glucopyranose
6 non-polymer 2-[4-(dimethylamino)phenyl]-3,6-dimethyl-1,3-benzothiazol-3-ium
7 non-polymer 'CHLORIDE ION'
8 water water
#
_entity_poly.entity_id   1
_entity_poly.type   'polypeptide(L)'
_entity_poly.pdbx_seq_one_letter_code
;EDDIIIATKNGKVRGMNLTVFGGTVTAFLGIPYAQPPLGRLRFKKPQSLTKWSDIWNATKYANSCCQNIDQSFPGFHGSE
MWNPNTDLSEDCLYLNVWIPAPKPKNATVLIWIYGGGFQTGTSSLHVYDGKFLARVERVIVVSMNYRVGALGFLALPGNP
EAPGNMGLFDQQLALQWVQKNIAAFGGNPKSVTLFGESAGAASVSLHLLSPGSHSLFTRAILQSGSFNAPWAVTSLYEAR
NRTLNLAKLTGCSRENETEIIKCLRNKDPQEILLNEAFVVPYGTPLSVNFGPTVDGDFLTDMPDILLELGQFKKTQILVG
VNKDEGTAFLVYGAPGFSKDNNSIITRKEFQEGLKIFFPGVSEFGKESILFHYTDWVDDQRPENYREALGDVVGDYNFIC
PALEFTKKFSEWGNNAFFYYFEHRSSKLPWPEWMGVMHGYEIEFVFGLPLERRDNYTKAEEILSRSIVKRWANFAKYGNP
NETQNNSTSWPVFKSTEQKYLTLNTESTRIMTKLRAQQCRFWTSFFPKV
;
_entity_poly.pdbx_strand_id   A,B
#
loop_
_chem_comp.id
_chem_comp.type
_chem_comp.name
_chem_comp.formula
CL non-polymer 'CHLORIDE ION' 'Cl -1'
FUC L-saccharide, alpha linking alpha-L-fucopyranose 'C6 H12 O5'
NAG D-saccharide, beta linking 2-acetamido-2-deoxy-beta-D-glucopyranose 'C8 H15 N O6'
TFX non-polymer 2-[4-(dimethylamino)phenyl]-3,6-dimethyl-1,3-benzothiazol-3-ium 'C17 H19 N2 S 1'
#
# COMPACT_ATOMS: atom_id res chain seq x y z
N ASP A 3 15.73 -24.91 -59.42
CA ASP A 3 14.41 -24.44 -59.03
C ASP A 3 14.07 -24.90 -57.60
N ILE A 4 13.14 -24.21 -56.95
CA ILE A 4 12.81 -24.44 -55.55
C ILE A 4 11.32 -24.75 -55.48
N ILE A 5 10.96 -26.04 -55.40
CA ILE A 5 9.58 -26.51 -55.37
C ILE A 5 9.44 -27.55 -54.27
N ILE A 6 8.22 -27.69 -53.76
CA ILE A 6 7.93 -28.73 -52.78
C ILE A 6 6.43 -29.01 -52.79
N ALA A 7 6.09 -30.29 -52.75
CA ALA A 7 4.70 -30.73 -52.87
C ALA A 7 3.98 -30.64 -51.52
N THR A 8 2.89 -29.89 -51.49
CA THR A 8 1.99 -29.76 -50.36
C THR A 8 0.81 -30.72 -50.56
N LYS A 9 0.11 -31.04 -49.48
CA LYS A 9 -1.13 -31.80 -49.60
C LYS A 9 -2.20 -31.05 -50.39
N ASN A 10 -1.99 -29.75 -50.63
CA ASN A 10 -2.89 -28.92 -51.43
C ASN A 10 -2.29 -28.58 -52.79
N GLY A 11 -1.12 -29.09 -53.14
CA GLY A 11 -0.49 -28.85 -54.42
C GLY A 11 0.96 -28.45 -54.28
N LYS A 12 1.58 -28.14 -55.41
CA LYS A 12 2.98 -27.73 -55.44
C LYS A 12 3.10 -26.22 -55.24
N VAL A 13 4.19 -25.80 -54.59
CA VAL A 13 4.45 -24.38 -54.37
C VAL A 13 5.95 -24.13 -54.50
N ARG A 14 6.30 -22.99 -55.11
CA ARG A 14 7.68 -22.64 -55.38
C ARG A 14 8.10 -21.42 -54.58
N GLY A 15 9.34 -21.44 -54.09
CA GLY A 15 9.87 -20.35 -53.28
C GLY A 15 11.06 -19.63 -53.87
N MET A 16 11.83 -18.95 -53.01
CA MET A 16 12.94 -18.11 -53.46
C MET A 16 14.11 -18.22 -52.48
N ASN A 17 15.31 -18.10 -53.02
CA ASN A 17 16.52 -18.08 -52.20
C ASN A 17 16.78 -16.67 -51.69
N LEU A 18 17.24 -16.59 -50.44
CA LEU A 18 17.73 -15.34 -49.85
C LEU A 18 19.11 -15.60 -49.26
N THR A 19 20.04 -14.68 -49.50
CA THR A 19 21.39 -14.78 -48.98
C THR A 19 21.50 -13.96 -47.69
N VAL A 20 21.79 -14.63 -46.58
CA VAL A 20 21.78 -14.01 -45.27
C VAL A 20 23.01 -14.46 -44.50
N PHE A 21 23.78 -13.50 -43.99
CA PHE A 21 24.98 -13.77 -43.21
C PHE A 21 25.92 -14.76 -43.91
N GLY A 22 25.96 -14.69 -45.25
CA GLY A 22 26.78 -15.60 -46.03
C GLY A 22 26.19 -16.95 -46.29
N GLY A 23 25.00 -17.26 -45.76
CA GLY A 23 24.28 -18.47 -46.07
C GLY A 23 23.01 -18.16 -46.86
N THR A 24 22.24 -19.20 -47.12
CA THR A 24 20.99 -19.05 -47.85
C THR A 24 19.83 -19.60 -47.04
N VAL A 25 18.71 -18.88 -47.11
CA VAL A 25 17.46 -19.28 -46.48
C VAL A 25 16.39 -19.29 -47.57
N THR A 26 15.61 -20.37 -47.63
CA THR A 26 14.54 -20.52 -48.61
C THR A 26 13.22 -20.08 -47.97
N ALA A 27 12.52 -19.18 -48.66
CA ALA A 27 11.30 -18.58 -48.14
C ALA A 27 10.12 -18.92 -49.05
N PHE A 28 8.98 -19.20 -48.43
CA PHE A 28 7.71 -19.40 -49.12
C PHE A 28 6.74 -18.38 -48.55
N LEU A 29 6.52 -17.28 -49.27
CA LEU A 29 5.75 -16.16 -48.76
C LEU A 29 4.32 -16.19 -49.30
N GLY A 30 3.35 -16.11 -48.40
CA GLY A 30 1.96 -16.04 -48.82
C GLY A 30 1.41 -17.34 -49.35
N ILE A 31 1.61 -18.42 -48.62
CA ILE A 31 0.96 -19.70 -48.95
C ILE A 31 -0.46 -19.68 -48.38
N PRO A 32 -1.48 -19.98 -49.18
CA PRO A 32 -2.84 -20.03 -48.64
C PRO A 32 -3.05 -21.29 -47.81
N TYR A 33 -3.70 -21.13 -46.65
CA TYR A 33 -4.03 -22.26 -45.80
C TYR A 33 -5.52 -22.49 -45.62
N ALA A 34 -6.37 -21.54 -46.00
CA ALA A 34 -7.80 -21.70 -45.91
C ALA A 34 -8.46 -21.02 -47.10
N GLN A 35 -9.69 -21.43 -47.39
CA GLN A 35 -10.43 -20.83 -48.48
C GLN A 35 -10.72 -19.37 -48.18
N PRO A 36 -10.61 -18.49 -49.17
CA PRO A 36 -10.85 -17.05 -48.93
C PRO A 36 -12.20 -16.81 -48.28
N PRO A 37 -12.21 -16.20 -47.09
CA PRO A 37 -13.48 -16.01 -46.37
C PRO A 37 -14.31 -14.92 -47.01
N LEU A 38 -14.68 -15.10 -48.27
CA LEU A 38 -15.39 -14.06 -48.98
C LEU A 38 -16.87 -14.10 -48.60
N GLY A 39 -17.69 -13.36 -49.35
CA GLY A 39 -18.95 -12.83 -48.81
C GLY A 39 -19.83 -13.84 -48.10
N ARG A 40 -19.99 -15.03 -48.68
CA ARG A 40 -20.85 -16.03 -48.03
C ARG A 40 -20.25 -16.51 -46.73
N LEU A 41 -18.94 -16.72 -46.71
CA LEU A 41 -18.25 -17.28 -45.55
C LEU A 41 -17.88 -16.24 -44.52
N ARG A 42 -17.87 -14.97 -44.89
CA ARG A 42 -17.50 -13.90 -43.98
C ARG A 42 -18.12 -14.12 -42.60
N PHE A 43 -17.30 -13.98 -41.56
CA PHE A 43 -17.61 -14.27 -40.16
C PHE A 43 -17.71 -15.76 -39.85
N LYS A 44 -17.78 -16.64 -40.86
CA LYS A 44 -17.74 -18.06 -40.54
C LYS A 44 -16.33 -18.47 -40.15
N LYS A 45 -16.23 -19.64 -39.53
CA LYS A 45 -14.94 -20.26 -39.25
C LYS A 45 -14.20 -20.46 -40.56
N PRO A 46 -12.87 -20.46 -40.55
CA PRO A 46 -12.13 -20.75 -41.79
C PRO A 46 -12.44 -22.16 -42.28
N GLN A 47 -12.68 -22.26 -43.58
CA GLN A 47 -13.03 -23.53 -44.23
C GLN A 47 -11.80 -24.06 -44.95
N SER A 48 -11.60 -25.37 -44.90
CA SER A 48 -10.34 -25.91 -45.37
C SER A 48 -10.24 -25.85 -46.89
N LEU A 49 -9.00 -25.74 -47.35
CA LEU A 49 -8.63 -25.68 -48.75
C LEU A 49 -8.93 -26.99 -49.45
N THR A 50 -8.96 -26.93 -50.78
CA THR A 50 -9.12 -28.12 -51.61
C THR A 50 -7.78 -28.37 -52.28
N LYS A 51 -7.52 -27.78 -53.44
CA LYS A 51 -6.25 -27.87 -54.12
C LYS A 51 -6.22 -26.73 -55.13
N TRP A 52 -5.01 -26.40 -55.59
CA TRP A 52 -4.87 -25.31 -56.53
C TRP A 52 -4.20 -25.82 -57.79
N SER A 53 -4.26 -24.99 -58.82
CA SER A 53 -3.77 -25.34 -60.13
C SER A 53 -2.28 -25.00 -60.24
N ASP A 54 -1.54 -25.88 -60.90
CA ASP A 54 -0.13 -25.67 -61.28
C ASP A 54 0.70 -25.40 -60.03
N ILE A 55 1.54 -24.37 -60.01
CA ILE A 55 2.53 -24.17 -58.97
C ILE A 55 2.34 -22.76 -58.41
N TRP A 56 1.92 -22.67 -57.15
CA TRP A 56 1.80 -21.38 -56.49
C TRP A 56 3.19 -20.79 -56.23
N ASN A 57 3.40 -19.55 -56.65
CA ASN A 57 4.67 -18.88 -56.43
C ASN A 57 4.59 -18.11 -55.13
N ALA A 58 5.19 -18.66 -54.08
CA ALA A 58 5.24 -18.02 -52.78
C ALA A 58 6.50 -17.15 -52.69
N THR A 59 6.48 -16.10 -53.51
CA THR A 59 7.62 -15.19 -53.63
C THR A 59 7.27 -13.77 -53.22
N LYS A 60 6.07 -13.53 -52.72
CA LYS A 60 5.67 -12.22 -52.24
C LYS A 60 4.70 -12.38 -51.08
N TYR A 61 4.88 -11.55 -50.06
CA TYR A 61 3.92 -11.46 -48.97
C TYR A 61 2.51 -11.26 -49.51
N ALA A 62 1.56 -11.94 -48.90
CA ALA A 62 0.18 -11.88 -49.33
C ALA A 62 -0.52 -10.66 -48.72
N ASN A 63 -1.80 -10.52 -49.04
CA ASN A 63 -2.58 -9.41 -48.51
C ASN A 63 -2.70 -9.52 -47.00
N SER A 64 -2.74 -8.36 -46.34
CA SER A 64 -3.12 -8.32 -44.94
C SER A 64 -4.64 -8.34 -44.83
N CYS A 65 -5.13 -8.98 -43.76
CA CYS A 65 -6.55 -8.96 -43.50
C CYS A 65 -7.00 -7.53 -43.14
N CYS A 66 -8.30 -7.30 -43.27
CA CYS A 66 -8.82 -5.93 -43.30
C CYS A 66 -8.66 -5.24 -41.95
N GLN A 67 -8.21 -3.99 -42.00
CA GLN A 67 -7.86 -3.24 -40.79
C GLN A 67 -8.21 -1.76 -40.94
N ASN A 68 -8.27 -1.10 -39.80
CA ASN A 68 -7.95 0.32 -39.73
C ASN A 68 -6.44 0.47 -39.59
N ILE A 69 -5.96 1.68 -39.89
CA ILE A 69 -4.52 1.94 -39.85
C ILE A 69 -4.23 3.09 -38.90
N ASP A 70 -3.03 3.05 -38.32
CA ASP A 70 -2.57 4.10 -37.41
C ASP A 70 -2.18 5.32 -38.24
N GLN A 71 -2.95 6.39 -38.10
CA GLN A 71 -2.76 7.62 -38.86
C GLN A 71 -2.28 8.79 -38.01
N SER A 72 -2.04 8.57 -36.72
CA SER A 72 -1.91 9.68 -35.79
C SER A 72 -0.73 10.58 -36.15
N PHE A 73 0.38 10.00 -36.59
CA PHE A 73 1.59 10.75 -36.94
C PHE A 73 2.13 10.25 -38.28
N PRO A 74 1.75 10.89 -39.38
CA PRO A 74 2.27 10.47 -40.68
C PRO A 74 3.76 10.73 -40.81
N GLY A 75 4.43 9.82 -41.53
CA GLY A 75 5.86 9.92 -41.75
C GLY A 75 6.73 9.39 -40.63
N PHE A 76 6.18 9.22 -39.43
CA PHE A 76 6.97 8.80 -38.27
C PHE A 76 7.17 7.29 -38.29
N HIS A 77 8.43 6.85 -38.31
CA HIS A 77 8.72 5.42 -38.37
C HIS A 77 8.14 4.66 -37.18
N GLY A 78 8.04 5.32 -36.02
CA GLY A 78 7.59 4.61 -34.82
C GLY A 78 6.16 4.11 -34.91
N SER A 79 5.26 4.92 -35.48
CA SER A 79 3.88 4.50 -35.67
C SER A 79 3.67 3.82 -37.02
N GLU A 80 4.49 4.17 -38.03
CA GLU A 80 4.29 3.62 -39.36
C GLU A 80 4.72 2.17 -39.46
N MET A 81 5.70 1.76 -38.65
CA MET A 81 6.26 0.42 -38.78
C MET A 81 5.25 -0.67 -38.40
N TRP A 82 4.18 -0.31 -37.70
CA TRP A 82 3.17 -1.28 -37.29
C TRP A 82 1.98 -1.32 -38.24
N ASN A 83 1.91 -0.42 -39.22
CA ASN A 83 0.84 -0.45 -40.20
C ASN A 83 1.09 -1.53 -41.24
N PRO A 84 0.03 -2.10 -41.82
CA PRO A 84 0.22 -3.19 -42.79
C PRO A 84 0.96 -2.71 -44.04
N ASN A 85 2.00 -3.46 -44.41
CA ASN A 85 2.85 -3.12 -45.54
C ASN A 85 2.47 -3.87 -46.82
N THR A 86 1.34 -4.56 -46.82
CA THR A 86 0.73 -5.09 -48.04
C THR A 86 -0.61 -4.39 -48.23
N ASP A 87 -1.28 -4.71 -49.32
CA ASP A 87 -2.59 -4.14 -49.58
C ASP A 87 -3.67 -5.03 -48.99
N LEU A 88 -4.74 -4.39 -48.52
CA LEU A 88 -5.63 -4.95 -47.52
C LEU A 88 -6.88 -5.52 -48.18
N SER A 89 -7.32 -6.68 -47.69
CA SER A 89 -8.40 -7.42 -48.33
C SER A 89 -8.95 -8.46 -47.36
N GLU A 90 -10.18 -8.90 -47.65
CA GLU A 90 -10.74 -10.03 -46.93
C GLU A 90 -10.09 -11.34 -47.36
N ASP A 91 -9.59 -11.40 -48.59
CA ASP A 91 -8.87 -12.56 -49.10
C ASP A 91 -7.45 -12.50 -48.54
N CYS A 92 -7.25 -13.18 -47.44
CA CYS A 92 -6.13 -12.81 -46.59
C CYS A 92 -5.61 -13.94 -45.72
N LEU A 93 -6.11 -15.16 -45.86
CA LEU A 93 -5.70 -16.27 -45.01
C LEU A 93 -4.50 -16.93 -45.66
N TYR A 94 -3.30 -16.44 -45.32
CA TYR A 94 -2.07 -16.94 -45.91
C TYR A 94 -1.01 -17.07 -44.81
N LEU A 95 0.01 -17.89 -45.09
CA LEU A 95 1.09 -18.10 -44.15
C LEU A 95 2.42 -18.07 -44.90
N ASN A 96 3.50 -17.92 -44.12
CA ASN A 96 4.85 -17.84 -44.64
C ASN A 96 5.71 -18.93 -43.98
N VAL A 97 6.72 -19.40 -44.71
CA VAL A 97 7.60 -20.46 -44.20
C VAL A 97 9.04 -20.12 -44.58
N TRP A 98 9.88 -19.90 -43.57
CA TRP A 98 11.31 -19.74 -43.76
C TRP A 98 12.02 -21.03 -43.38
N ILE A 99 13.02 -21.41 -44.18
CA ILE A 99 13.68 -22.70 -44.00
C ILE A 99 15.19 -22.57 -44.17
N PRO A 100 16.00 -23.13 -43.27
CA PRO A 100 17.45 -23.03 -43.42
C PRO A 100 17.94 -23.81 -44.63
N ALA A 101 18.85 -23.19 -45.38
CA ALA A 101 19.46 -24.09 -46.34
C ALA A 101 20.86 -24.47 -45.87
N PRO A 102 21.31 -25.71 -46.08
CA PRO A 102 20.61 -26.79 -46.81
C PRO A 102 19.38 -27.32 -46.07
N LYS A 103 18.52 -28.03 -46.80
CA LYS A 103 17.22 -28.41 -46.26
C LYS A 103 17.38 -29.24 -44.99
N PRO A 104 16.70 -28.87 -43.91
CA PRO A 104 16.78 -29.66 -42.68
C PRO A 104 15.98 -30.95 -42.78
N LYS A 105 16.46 -31.97 -42.07
CA LYS A 105 15.82 -33.27 -42.09
C LYS A 105 14.59 -33.29 -41.19
N ASN A 106 14.68 -32.71 -40.00
CA ASN A 106 13.66 -32.79 -38.96
C ASN A 106 13.79 -31.56 -38.06
N ALA A 107 13.62 -30.39 -38.64
CA ALA A 107 13.84 -29.18 -37.88
C ALA A 107 12.69 -28.89 -36.93
N THR A 108 13.03 -28.25 -35.81
CA THR A 108 12.02 -27.70 -34.92
C THR A 108 11.38 -26.47 -35.57
N VAL A 109 10.09 -26.28 -35.32
CA VAL A 109 9.32 -25.23 -35.99
C VAL A 109 8.83 -24.23 -34.96
N LEU A 110 9.06 -22.95 -35.26
CA LEU A 110 8.53 -21.83 -34.50
C LEU A 110 7.44 -21.17 -35.33
N ILE A 111 6.29 -20.88 -34.74
CA ILE A 111 5.20 -20.22 -35.46
C ILE A 111 4.82 -18.94 -34.73
N TRP A 112 4.95 -17.82 -35.43
CA TRP A 112 4.71 -16.50 -34.88
C TRP A 112 3.25 -16.10 -35.07
N ILE A 113 2.65 -15.55 -34.01
CA ILE A 113 1.30 -15.01 -34.06
C ILE A 113 1.40 -13.54 -33.67
N TYR A 114 1.16 -12.66 -34.63
CA TYR A 114 1.36 -11.23 -34.39
C TYR A 114 0.27 -10.69 -33.47
N GLY A 115 0.62 -9.63 -32.75
CA GLY A 115 -0.32 -8.89 -31.94
C GLY A 115 -0.90 -7.72 -32.70
N GLY A 116 -1.44 -6.77 -31.95
CA GLY A 116 -2.09 -5.62 -32.54
C GLY A 116 -3.45 -5.36 -31.94
N GLY A 117 -3.66 -5.82 -30.71
CA GLY A 117 -4.90 -5.58 -29.99
C GLY A 117 -6.11 -6.24 -30.58
N PHE A 118 -5.93 -7.31 -31.35
CA PHE A 118 -7.00 -8.00 -32.07
C PHE A 118 -7.76 -7.08 -33.00
N GLN A 119 -7.27 -5.87 -33.25
CA GLN A 119 -7.87 -4.95 -34.21
C GLN A 119 -6.93 -4.57 -35.35
N THR A 120 -5.65 -4.94 -35.29
CA THR A 120 -4.71 -4.72 -36.39
C THR A 120 -3.72 -5.88 -36.46
N GLY A 121 -2.75 -5.76 -37.37
CA GLY A 121 -1.64 -6.69 -37.43
C GLY A 121 -1.47 -7.41 -38.76
N THR A 122 -0.25 -7.86 -39.04
CA THR A 122 0.04 -8.65 -40.23
C THR A 122 1.36 -9.39 -40.00
N SER A 123 1.53 -10.48 -40.75
CA SER A 123 2.72 -11.31 -40.62
C SER A 123 3.86 -10.85 -41.54
N SER A 124 3.68 -9.75 -42.27
CA SER A 124 4.63 -9.33 -43.29
C SER A 124 5.45 -8.10 -42.87
N LEU A 125 5.38 -7.69 -41.61
CA LEU A 125 6.19 -6.57 -41.16
C LEU A 125 7.66 -6.94 -41.15
N HIS A 126 8.51 -5.92 -41.28
CA HIS A 126 9.95 -6.17 -41.32
C HIS A 126 10.44 -6.77 -40.03
N VAL A 127 9.85 -6.38 -38.90
CA VAL A 127 10.28 -6.87 -37.60
C VAL A 127 9.90 -8.31 -37.35
N TYR A 128 9.01 -8.88 -38.15
CA TYR A 128 8.63 -10.29 -38.04
C TYR A 128 9.34 -11.14 -39.09
N ASP A 129 10.43 -10.65 -39.66
CA ASP A 129 11.15 -11.37 -40.71
C ASP A 129 11.86 -12.58 -40.10
N GLY A 130 11.35 -13.77 -40.37
CA GLY A 130 11.92 -15.00 -39.86
C GLY A 130 13.18 -15.47 -40.56
N LYS A 131 13.57 -14.76 -41.62
CA LYS A 131 14.78 -15.02 -42.39
C LYS A 131 15.99 -15.25 -41.52
N PHE A 132 16.12 -14.45 -40.45
CA PHE A 132 17.30 -14.55 -39.59
C PHE A 132 17.26 -15.80 -38.72
N LEU A 133 16.16 -15.99 -37.99
CA LEU A 133 16.04 -17.14 -37.10
C LEU A 133 16.36 -18.45 -37.82
N ALA A 134 15.88 -18.59 -39.06
CA ALA A 134 16.14 -19.81 -39.81
C ALA A 134 17.63 -19.99 -40.09
N ARG A 135 18.37 -18.89 -40.26
CA ARG A 135 19.79 -18.99 -40.55
C ARG A 135 20.62 -19.22 -39.30
N VAL A 136 20.33 -18.46 -38.25
CA VAL A 136 21.19 -18.48 -37.06
C VAL A 136 21.07 -19.81 -36.32
N GLU A 137 19.85 -20.27 -36.09
CA GLU A 137 19.61 -21.43 -35.23
C GLU A 137 19.10 -22.64 -36.00
N ARG A 138 19.03 -22.56 -37.34
CA ARG A 138 18.60 -23.67 -38.18
CA ARG A 138 18.60 -23.67 -38.18
C ARG A 138 17.21 -24.17 -37.78
N VAL A 139 16.30 -23.24 -37.53
CA VAL A 139 14.92 -23.57 -37.21
C VAL A 139 14.07 -23.26 -38.43
N ILE A 140 12.87 -23.82 -38.44
CA ILE A 140 11.84 -23.45 -39.41
C ILE A 140 10.89 -22.48 -38.73
N VAL A 141 10.64 -21.35 -39.39
CA VAL A 141 9.78 -20.30 -38.84
C VAL A 141 8.57 -20.15 -39.75
N VAL A 142 7.38 -20.12 -39.16
CA VAL A 142 6.13 -19.95 -39.89
C VAL A 142 5.37 -18.81 -39.25
N SER A 143 4.78 -17.94 -40.08
CA SER A 143 3.89 -16.89 -39.60
C SER A 143 2.66 -16.84 -40.50
N MET A 144 1.51 -16.57 -39.91
CA MET A 144 0.24 -16.62 -40.62
C MET A 144 -0.54 -15.33 -40.40
N ASN A 145 -1.38 -15.01 -41.38
CA ASN A 145 -2.34 -13.92 -41.26
C ASN A 145 -3.65 -14.49 -40.72
N TYR A 146 -4.16 -13.89 -39.65
CA TYR A 146 -5.45 -14.28 -39.10
C TYR A 146 -6.38 -13.07 -39.08
N ARG A 147 -7.67 -13.34 -39.28
CA ARG A 147 -8.63 -12.26 -39.37
C ARG A 147 -8.75 -11.52 -38.05
N VAL A 148 -9.02 -10.23 -38.16
CA VAL A 148 -8.87 -9.29 -37.07
C VAL A 148 -10.06 -8.33 -37.11
N GLY A 149 -10.49 -7.88 -35.93
CA GLY A 149 -11.61 -6.97 -35.87
C GLY A 149 -12.94 -7.70 -35.99
N ALA A 150 -13.97 -6.93 -36.38
CA ALA A 150 -15.32 -7.50 -36.50
C ALA A 150 -15.34 -8.65 -37.50
N LEU A 151 -14.56 -8.54 -38.58
CA LEU A 151 -14.44 -9.65 -39.52
C LEU A 151 -13.84 -10.89 -38.87
N GLY A 152 -13.14 -10.72 -37.75
CA GLY A 152 -12.44 -11.84 -37.14
C GLY A 152 -13.03 -12.36 -35.86
N PHE A 153 -13.75 -11.52 -35.10
CA PHE A 153 -14.25 -11.95 -33.80
C PHE A 153 -15.63 -11.40 -33.47
N LEU A 154 -16.44 -11.08 -34.48
CA LEU A 154 -17.86 -10.83 -34.28
C LEU A 154 -18.52 -12.06 -33.69
N ALA A 155 -19.32 -11.89 -32.63
CA ALA A 155 -19.76 -13.01 -31.81
C ALA A 155 -21.28 -13.03 -31.67
N LEU A 156 -21.91 -14.06 -32.24
CA LEU A 156 -23.28 -14.46 -31.89
C LEU A 156 -23.19 -15.93 -31.53
N PRO A 157 -22.68 -16.25 -30.34
CA PRO A 157 -22.39 -17.66 -30.03
C PRO A 157 -23.63 -18.53 -30.13
N GLY A 158 -23.43 -19.71 -30.71
CA GLY A 158 -24.50 -20.65 -30.99
C GLY A 158 -24.95 -20.60 -32.43
N ASN A 159 -24.46 -19.61 -33.17
CA ASN A 159 -24.84 -19.37 -34.55
C ASN A 159 -23.64 -19.60 -35.45
N PRO A 160 -23.67 -20.62 -36.32
CA PRO A 160 -22.49 -20.90 -37.16
C PRO A 160 -22.17 -19.84 -38.20
N GLU A 161 -23.07 -18.88 -38.44
CA GLU A 161 -22.80 -17.84 -39.41
C GLU A 161 -21.85 -16.78 -38.87
N ALA A 162 -21.76 -16.61 -37.56
CA ALA A 162 -20.82 -15.71 -36.90
C ALA A 162 -20.68 -16.14 -35.45
N PRO A 163 -19.91 -17.21 -35.18
CA PRO A 163 -19.88 -17.79 -33.83
C PRO A 163 -18.89 -17.14 -32.87
N GLY A 164 -18.06 -16.21 -33.32
CA GLY A 164 -17.03 -15.68 -32.45
C GLY A 164 -15.76 -16.50 -32.50
N ASN A 165 -14.63 -15.81 -32.28
CA ASN A 165 -13.31 -16.44 -32.21
C ASN A 165 -12.87 -17.03 -33.55
N MET A 166 -13.25 -16.38 -34.66
CA MET A 166 -12.85 -16.89 -35.96
C MET A 166 -11.37 -16.68 -36.22
N GLY A 167 -10.83 -15.52 -35.84
CA GLY A 167 -9.41 -15.29 -36.00
C GLY A 167 -8.57 -16.30 -35.26
N LEU A 168 -9.04 -16.72 -34.08
CA LEU A 168 -8.38 -17.83 -33.38
C LEU A 168 -8.49 -19.12 -34.18
N PHE A 169 -9.64 -19.34 -34.82
CA PHE A 169 -9.80 -20.53 -35.65
C PHE A 169 -8.98 -20.41 -36.94
N ASP A 170 -8.71 -19.18 -37.38
CA ASP A 170 -7.74 -18.99 -38.46
C ASP A 170 -6.36 -19.47 -38.02
N GLN A 171 -5.92 -19.02 -36.84
CA GLN A 171 -4.64 -19.46 -36.31
C GLN A 171 -4.59 -20.98 -36.16
N GLN A 172 -5.68 -21.57 -35.69
CA GLN A 172 -5.68 -23.01 -35.40
C GLN A 172 -5.53 -23.83 -36.67
N LEU A 173 -6.28 -23.49 -37.73
CA LEU A 173 -6.15 -24.23 -38.98
C LEU A 173 -4.77 -24.08 -39.59
N ALA A 174 -4.14 -22.91 -39.42
CA ALA A 174 -2.75 -22.76 -39.83
C ALA A 174 -1.86 -23.73 -39.08
N LEU A 175 -2.10 -23.92 -37.78
CA LEU A 175 -1.37 -24.93 -37.02
C LEU A 175 -1.64 -26.32 -37.57
N GLN A 176 -2.88 -26.58 -38.00
CA GLN A 176 -3.21 -27.86 -38.61
C GLN A 176 -2.46 -28.05 -39.92
N TRP A 177 -2.30 -26.97 -40.69
CA TRP A 177 -1.57 -27.05 -41.95
C TRP A 177 -0.11 -27.40 -41.71
N VAL A 178 0.51 -26.80 -40.69
CA VAL A 178 1.88 -27.15 -40.33
C VAL A 178 1.97 -28.61 -39.91
N GLN A 179 0.99 -29.08 -39.14
CA GLN A 179 0.96 -30.48 -38.75
C GLN A 179 0.85 -31.40 -39.96
N LYS A 180 0.20 -30.93 -41.03
CA LYS A 180 -0.01 -31.76 -42.20
C LYS A 180 1.10 -31.64 -43.24
N ASN A 181 1.87 -30.55 -43.23
CA ASN A 181 2.71 -30.26 -44.39
C ASN A 181 4.17 -29.97 -44.06
N ILE A 182 4.45 -29.35 -42.91
CA ILE A 182 5.80 -28.85 -42.66
C ILE A 182 6.85 -29.96 -42.70
N ALA A 183 6.44 -31.22 -42.53
CA ALA A 183 7.38 -32.33 -42.64
C ALA A 183 7.95 -32.44 -44.04
N ALA A 184 7.13 -32.18 -45.06
CA ALA A 184 7.63 -32.08 -46.42
C ALA A 184 8.79 -31.08 -46.48
N PHE A 185 8.59 -29.92 -45.86
CA PHE A 185 9.57 -28.85 -45.80
C PHE A 185 10.81 -29.22 -45.00
N GLY A 186 10.82 -30.38 -44.36
CA GLY A 186 11.91 -30.76 -43.49
C GLY A 186 11.68 -30.43 -42.04
N GLY A 187 10.44 -30.19 -41.63
CA GLY A 187 10.13 -29.83 -40.27
C GLY A 187 9.66 -31.00 -39.44
N ASN A 188 9.70 -30.80 -38.12
CA ASN A 188 9.25 -31.80 -37.16
C ASN A 188 7.91 -31.37 -36.60
N PRO A 189 6.80 -31.98 -37.02
CA PRO A 189 5.48 -31.57 -36.51
C PRO A 189 5.27 -31.86 -35.03
N LYS A 190 6.16 -32.61 -34.38
CA LYS A 190 6.07 -32.85 -32.94
C LYS A 190 7.08 -32.02 -32.16
N SER A 191 7.82 -31.14 -32.83
CA SER A 191 8.67 -30.14 -32.18
C SER A 191 8.26 -28.77 -32.72
N VAL A 192 7.11 -28.29 -32.24
CA VAL A 192 6.48 -27.08 -32.75
C VAL A 192 6.21 -26.15 -31.57
N THR A 193 6.69 -24.91 -31.66
CA THR A 193 6.57 -23.95 -30.57
C THR A 193 5.86 -22.71 -31.07
N LEU A 194 4.76 -22.35 -30.41
CA LEU A 194 4.08 -21.09 -30.70
C LEU A 194 4.75 -19.96 -29.93
N PHE A 195 4.82 -18.79 -30.55
CA PHE A 195 5.28 -17.60 -29.85
C PHE A 195 4.68 -16.37 -30.51
N GLY A 196 4.21 -15.45 -29.68
CA GLY A 196 3.61 -14.21 -30.15
C GLY A 196 3.80 -13.12 -29.12
N GLU A 197 3.41 -11.90 -29.50
CA GLU A 197 3.55 -10.75 -28.63
C GLU A 197 2.24 -9.99 -28.56
N SER A 198 1.92 -9.49 -27.36
CA SER A 198 0.71 -8.72 -27.09
C SER A 198 -0.50 -9.61 -27.40
N ALA A 199 -1.41 -9.22 -28.29
CA ALA A 199 -2.54 -10.07 -28.62
C ALA A 199 -2.09 -11.43 -29.14
N GLY A 200 -0.94 -11.48 -29.82
CA GLY A 200 -0.41 -12.77 -30.22
C GLY A 200 -0.03 -13.64 -29.04
N ALA A 201 0.51 -13.03 -27.99
CA ALA A 201 0.78 -13.78 -26.76
C ALA A 201 -0.52 -14.18 -26.08
N ALA A 202 -1.52 -13.31 -26.12
CA ALA A 202 -2.84 -13.69 -25.59
C ALA A 202 -3.43 -14.84 -26.38
N SER A 203 -3.31 -14.79 -27.72
CA SER A 203 -3.77 -15.89 -28.54
C SER A 203 -3.02 -17.17 -28.20
N VAL A 204 -1.70 -17.08 -28.05
CA VAL A 204 -0.89 -18.24 -27.69
C VAL A 204 -1.38 -18.84 -26.37
N SER A 205 -1.67 -17.98 -25.39
CA SER A 205 -2.13 -18.48 -24.09
C SER A 205 -3.47 -19.19 -24.20
N LEU A 206 -4.35 -18.76 -25.11
CA LEU A 206 -5.65 -19.41 -25.19
C LEU A 206 -5.60 -20.73 -25.94
N HIS A 207 -4.64 -20.89 -26.85
CA HIS A 207 -4.43 -22.20 -27.46
C HIS A 207 -4.01 -23.24 -26.43
N LEU A 208 -3.42 -22.82 -25.33
CA LEU A 208 -3.15 -23.74 -24.23
C LEU A 208 -4.43 -24.22 -23.56
N LEU A 209 -5.51 -23.44 -23.64
CA LEU A 209 -6.79 -23.81 -23.04
C LEU A 209 -7.69 -24.57 -24.00
N SER A 210 -7.67 -24.20 -25.28
CA SER A 210 -8.61 -24.74 -26.25
C SER A 210 -8.33 -26.23 -26.49
N PRO A 211 -9.33 -27.11 -26.32
CA PRO A 211 -9.09 -28.53 -26.60
C PRO A 211 -8.69 -28.80 -28.04
N GLY A 212 -9.10 -27.94 -28.98
CA GLY A 212 -8.79 -28.17 -30.37
C GLY A 212 -7.32 -28.01 -30.72
N SER A 213 -6.61 -27.16 -29.98
CA SER A 213 -5.20 -26.90 -30.26
C SER A 213 -4.26 -27.78 -29.45
N HIS A 214 -4.79 -28.66 -28.60
CA HIS A 214 -3.92 -29.36 -27.67
CA HIS A 214 -3.98 -29.43 -27.66
C HIS A 214 -2.97 -30.35 -28.34
N SER A 215 -3.20 -30.71 -29.61
CA SER A 215 -2.30 -31.63 -30.29
C SER A 215 -1.64 -31.00 -31.52
N LEU A 216 -1.66 -29.68 -31.64
CA LEU A 216 -1.10 -28.99 -32.79
C LEU A 216 0.21 -28.27 -32.51
N PHE A 217 0.66 -28.24 -31.26
CA PHE A 217 1.92 -27.59 -30.92
C PHE A 217 2.51 -28.25 -29.68
N THR A 218 3.80 -28.01 -29.46
CA THR A 218 4.53 -28.62 -28.36
C THR A 218 4.70 -27.68 -27.17
N ARG A 219 5.17 -26.45 -27.40
CA ARG A 219 5.44 -25.50 -26.32
C ARG A 219 4.96 -24.11 -26.75
N ALA A 220 5.07 -23.14 -25.84
CA ALA A 220 4.53 -21.81 -26.05
C ALA A 220 5.44 -20.76 -25.43
N ILE A 221 5.51 -19.61 -26.10
CA ILE A 221 6.24 -18.44 -25.60
C ILE A 221 5.29 -17.25 -25.63
N LEU A 222 5.20 -16.52 -24.52
CA LEU A 222 4.22 -15.46 -24.33
C LEU A 222 4.96 -14.16 -24.02
N GLN A 223 5.08 -13.29 -25.01
CA GLN A 223 5.80 -12.03 -24.87
C GLN A 223 4.80 -10.89 -24.67
N SER A 224 4.75 -10.37 -23.44
CA SER A 224 3.94 -9.19 -23.11
C SER A 224 2.46 -9.42 -23.42
N GLY A 225 1.94 -10.56 -22.97
CA GLY A 225 0.54 -10.85 -23.19
C GLY A 225 0.07 -12.17 -22.59
N SER A 226 -1.16 -12.17 -22.10
CA SER A 226 -1.79 -13.36 -21.54
C SER A 226 -3.29 -13.10 -21.46
N PHE A 227 -4.07 -14.18 -21.47
CA PHE A 227 -5.51 -14.03 -21.59
C PHE A 227 -6.14 -13.40 -20.35
N ASN A 228 -5.47 -13.45 -19.21
CA ASN A 228 -6.03 -12.88 -17.99
C ASN A 228 -5.74 -11.38 -17.88
N ALA A 229 -5.12 -10.78 -18.89
CA ALA A 229 -5.03 -9.33 -18.97
C ALA A 229 -6.44 -8.76 -19.10
N PRO A 230 -6.66 -7.53 -18.64
CA PRO A 230 -8.04 -6.99 -18.63
C PRO A 230 -8.62 -6.77 -20.02
N TRP A 231 -7.78 -6.74 -21.06
CA TRP A 231 -8.21 -6.41 -22.41
C TRP A 231 -8.37 -7.64 -23.30
N ALA A 232 -8.02 -8.82 -22.82
CA ALA A 232 -7.84 -9.98 -23.70
C ALA A 232 -9.18 -10.65 -24.05
N VAL A 233 -9.97 -10.97 -23.04
CA VAL A 233 -11.20 -11.74 -23.23
C VAL A 233 -12.39 -10.88 -22.81
N THR A 234 -13.43 -10.88 -23.63
CA THR A 234 -14.68 -10.19 -23.34
C THR A 234 -15.77 -11.21 -23.04
N SER A 235 -16.63 -10.89 -22.09
CA SER A 235 -17.66 -11.82 -21.65
C SER A 235 -18.61 -12.16 -22.80
N LEU A 236 -19.40 -13.21 -22.59
CA LEU A 236 -20.27 -13.73 -23.64
C LEU A 236 -21.25 -12.66 -24.13
N TYR A 237 -21.94 -12.00 -23.20
CA TYR A 237 -23.06 -11.16 -23.58
C TYR A 237 -22.70 -9.69 -23.77
N GLU A 238 -21.51 -9.27 -23.36
CA GLU A 238 -21.02 -7.98 -23.85
C GLU A 238 -20.51 -8.11 -25.27
N ALA A 239 -20.02 -9.30 -25.65
CA ALA A 239 -19.69 -9.54 -27.05
C ALA A 239 -20.93 -9.47 -27.92
N ARG A 240 -22.05 -10.03 -27.46
CA ARG A 240 -23.29 -9.96 -28.22
C ARG A 240 -23.87 -8.55 -28.23
N ASN A 241 -23.91 -7.91 -27.05
CA ASN A 241 -24.27 -6.50 -26.99
C ASN A 241 -23.44 -5.67 -27.96
N ARG A 242 -22.20 -6.08 -28.19
CA ARG A 242 -21.36 -5.36 -29.14
C ARG A 242 -21.83 -5.59 -30.57
N THR A 243 -22.25 -6.80 -30.89
CA THR A 243 -22.55 -7.01 -32.28
C THR A 243 -23.97 -6.57 -32.61
N LEU A 244 -24.89 -6.61 -31.63
CA LEU A 244 -26.19 -5.97 -31.80
C LEU A 244 -26.03 -4.47 -32.04
N ASN A 245 -25.09 -3.83 -31.34
CA ASN A 245 -24.88 -2.40 -31.52
C ASN A 245 -24.29 -2.10 -32.90
N LEU A 246 -23.33 -2.91 -33.35
CA LEU A 246 -22.78 -2.74 -34.69
C LEU A 246 -23.85 -2.93 -35.75
N ALA A 247 -24.84 -3.80 -35.48
CA ALA A 247 -25.93 -4.02 -36.42
C ALA A 247 -26.74 -2.76 -36.62
N LYS A 248 -27.08 -2.08 -35.53
CA LYS A 248 -27.81 -0.83 -35.65
C LYS A 248 -26.93 0.22 -36.31
N LEU A 249 -25.72 0.42 -35.79
CA LEU A 249 -24.85 1.45 -36.33
C LEU A 249 -24.71 1.33 -37.84
N THR A 250 -24.86 0.12 -38.38
CA THR A 250 -24.79 -0.11 -39.82
C THR A 250 -26.16 -0.23 -40.46
N GLY A 251 -27.23 -0.02 -39.69
CA GLY A 251 -28.56 -0.07 -40.25
C GLY A 251 -29.02 -1.44 -40.69
N CYS A 252 -28.78 -2.48 -39.87
CA CYS A 252 -29.40 -3.77 -40.13
C CYS A 252 -29.61 -4.53 -38.84
N SER A 253 -30.09 -3.85 -37.81
CA SER A 253 -30.77 -4.57 -36.75
C SER A 253 -32.03 -5.22 -37.31
N ARG A 254 -32.02 -6.53 -37.44
CA ARG A 254 -33.23 -7.30 -37.73
C ARG A 254 -33.50 -8.21 -36.53
N GLU A 255 -34.53 -9.03 -36.61
CA GLU A 255 -34.99 -9.67 -35.38
C GLU A 255 -34.41 -11.05 -35.12
N ASN A 256 -34.13 -11.87 -36.14
CA ASN A 256 -33.49 -13.16 -35.90
C ASN A 256 -32.09 -13.20 -36.51
N GLU A 257 -31.17 -13.79 -35.75
CA GLU A 257 -29.74 -13.46 -35.86
C GLU A 257 -29.19 -13.62 -37.27
N THR A 258 -29.47 -14.76 -37.91
CA THR A 258 -28.91 -15.02 -39.23
C THR A 258 -29.34 -13.97 -40.25
N GLU A 259 -30.47 -13.29 -40.03
CA GLU A 259 -30.86 -12.20 -40.90
C GLU A 259 -29.95 -10.99 -40.73
N ILE A 260 -29.48 -10.75 -39.50
CA ILE A 260 -28.61 -9.61 -39.25
C ILE A 260 -27.22 -9.83 -39.84
N ILE A 261 -26.76 -11.09 -39.86
CA ILE A 261 -25.52 -11.39 -40.56
C ILE A 261 -25.70 -11.21 -42.07
N LYS A 262 -26.90 -11.49 -42.57
CA LYS A 262 -27.16 -11.34 -44.00
C LYS A 262 -26.93 -9.91 -44.45
N CYS A 263 -27.33 -8.92 -43.64
CA CYS A 263 -27.00 -7.55 -43.96
C CYS A 263 -25.50 -7.34 -43.94
N LEU A 264 -24.85 -7.68 -42.82
CA LEU A 264 -23.44 -7.36 -42.64
C LEU A 264 -22.57 -7.97 -43.73
N ARG A 265 -23.03 -9.06 -44.35
CA ARG A 265 -22.29 -9.66 -45.45
C ARG A 265 -22.35 -8.82 -46.72
N ASN A 266 -23.31 -7.90 -46.82
CA ASN A 266 -23.46 -7.08 -48.00
C ASN A 266 -22.89 -5.67 -47.84
N LYS A 267 -22.44 -5.31 -46.64
CA LYS A 267 -21.80 -4.03 -46.43
C LYS A 267 -20.33 -4.11 -46.80
N ASP A 268 -19.83 -3.08 -47.47
CA ASP A 268 -18.44 -3.06 -47.87
C ASP A 268 -17.54 -3.15 -46.64
N PRO A 269 -16.37 -3.78 -46.76
CA PRO A 269 -15.52 -3.98 -45.57
C PRO A 269 -15.20 -2.68 -44.85
N GLN A 270 -15.03 -1.59 -45.59
CA GLN A 270 -14.72 -0.31 -44.97
C GLN A 270 -15.79 0.05 -43.92
N GLU A 271 -17.03 0.26 -44.36
CA GLU A 271 -18.06 0.76 -43.44
C GLU A 271 -18.20 -0.10 -42.18
N ILE A 272 -17.92 -1.40 -42.28
CA ILE A 272 -17.84 -2.21 -41.07
C ILE A 272 -16.67 -1.76 -40.21
N LEU A 273 -15.54 -1.43 -40.84
CA LEU A 273 -14.32 -1.12 -40.11
C LEU A 273 -14.41 0.21 -39.36
N LEU A 274 -15.17 1.18 -39.87
CA LEU A 274 -15.20 2.52 -39.28
C LEU A 274 -16.31 2.70 -38.26
N ASN A 275 -17.13 1.68 -38.01
CA ASN A 275 -18.06 1.70 -36.90
C ASN A 275 -17.69 0.71 -35.81
N GLU A 276 -16.55 0.02 -35.96
CA GLU A 276 -16.05 -0.84 -34.89
C GLU A 276 -15.79 -0.04 -33.62
N ALA A 277 -15.44 1.24 -33.75
CA ALA A 277 -15.03 2.03 -32.60
C ALA A 277 -16.20 2.57 -31.79
N PHE A 278 -17.41 2.62 -32.35
CA PHE A 278 -18.58 3.15 -31.67
C PHE A 278 -19.39 2.09 -30.96
N VAL A 279 -18.93 0.84 -31.00
CA VAL A 279 -19.69 -0.24 -30.41
C VAL A 279 -19.62 -0.24 -28.89
N VAL A 280 -18.63 0.44 -28.33
CA VAL A 280 -18.47 0.54 -26.87
C VAL A 280 -18.79 1.98 -26.47
N PRO A 281 -19.53 2.21 -25.39
CA PRO A 281 -19.84 3.60 -25.02
C PRO A 281 -18.66 4.36 -24.46
N TYR A 282 -17.81 3.73 -23.65
CA TYR A 282 -16.74 4.40 -22.92
C TYR A 282 -15.45 3.61 -23.14
N GLY A 283 -14.66 4.02 -24.12
CA GLY A 283 -13.45 3.32 -24.49
C GLY A 283 -12.17 3.98 -23.98
N THR A 284 -11.16 3.16 -23.77
CA THR A 284 -9.80 3.56 -23.42
C THR A 284 -8.88 3.33 -24.59
N PRO A 285 -7.67 3.92 -24.57
CA PRO A 285 -6.68 3.59 -25.62
C PRO A 285 -6.39 2.11 -25.74
N LEU A 286 -6.62 1.33 -24.68
CA LEU A 286 -6.32 -0.09 -24.66
C LEU A 286 -7.54 -0.97 -24.89
N SER A 287 -8.57 -0.44 -25.56
CA SER A 287 -9.83 -1.16 -25.70
C SER A 287 -9.80 -2.13 -26.87
N VAL A 288 -10.32 -3.33 -26.64
CA VAL A 288 -10.48 -4.35 -27.67
C VAL A 288 -11.98 -4.44 -27.96
N ASN A 289 -12.42 -3.80 -29.04
CA ASN A 289 -13.83 -3.79 -29.37
C ASN A 289 -14.33 -5.18 -29.75
N PHE A 290 -13.69 -5.81 -30.71
CA PHE A 290 -14.03 -7.16 -31.14
C PHE A 290 -12.81 -8.05 -30.97
N GLY A 291 -12.84 -8.89 -29.94
CA GLY A 291 -11.75 -9.79 -29.65
C GLY A 291 -12.25 -11.15 -29.21
N PRO A 292 -11.36 -11.93 -28.59
CA PRO A 292 -11.75 -13.27 -28.13
C PRO A 292 -12.91 -13.21 -27.15
N THR A 293 -13.70 -14.28 -27.14
CA THR A 293 -14.90 -14.40 -26.34
C THR A 293 -15.06 -15.85 -25.91
N VAL A 294 -16.00 -16.09 -25.03
CA VAL A 294 -16.33 -17.46 -24.61
C VAL A 294 -17.39 -17.97 -25.58
N ASP A 295 -16.93 -18.65 -26.62
CA ASP A 295 -17.79 -19.08 -27.72
C ASP A 295 -18.39 -20.47 -27.52
N GLY A 296 -17.92 -21.23 -26.53
CA GLY A 296 -18.39 -22.59 -26.34
C GLY A 296 -17.75 -23.61 -27.26
N ASP A 297 -16.96 -23.17 -28.23
CA ASP A 297 -16.22 -24.07 -29.12
C ASP A 297 -14.73 -23.97 -28.84
N PHE A 298 -14.10 -22.85 -29.18
CA PHE A 298 -12.69 -22.65 -28.87
C PHE A 298 -12.47 -22.57 -27.35
N LEU A 299 -13.38 -21.92 -26.64
CA LEU A 299 -13.31 -21.75 -25.19
C LEU A 299 -14.59 -22.31 -24.58
N THR A 300 -14.47 -23.33 -23.75
CA THR A 300 -15.63 -23.95 -23.13
C THR A 300 -16.00 -23.32 -21.79
N ASP A 301 -15.28 -22.30 -21.34
CA ASP A 301 -15.61 -21.59 -20.11
C ASP A 301 -14.77 -20.32 -20.05
N MET A 302 -15.09 -19.48 -19.06
CA MET A 302 -14.27 -18.30 -18.81
C MET A 302 -12.83 -18.73 -18.55
N PRO A 303 -11.84 -18.07 -19.16
CA PRO A 303 -10.49 -18.62 -19.13
C PRO A 303 -9.86 -18.63 -17.75
N ASP A 304 -10.18 -17.66 -16.89
CA ASP A 304 -9.63 -17.65 -15.54
C ASP A 304 -10.03 -18.90 -14.78
N ILE A 305 -11.24 -19.39 -15.00
CA ILE A 305 -11.66 -20.62 -14.35
C ILE A 305 -10.83 -21.79 -14.87
N LEU A 306 -10.91 -22.09 -16.17
CA LEU A 306 -10.09 -23.14 -16.80
C LEU A 306 -8.66 -23.20 -16.27
N LEU A 307 -8.05 -22.04 -16.05
CA LEU A 307 -6.69 -21.99 -15.51
C LEU A 307 -6.67 -22.43 -14.05
N GLU A 308 -7.61 -21.92 -13.25
CA GLU A 308 -7.65 -22.27 -11.83
C GLU A 308 -7.85 -23.77 -11.61
N LEU A 309 -8.57 -24.43 -12.52
CA LEU A 309 -8.87 -25.86 -12.38
C LEU A 309 -7.88 -26.75 -13.10
N GLY A 310 -6.82 -26.19 -13.68
CA GLY A 310 -5.84 -27.01 -14.36
C GLY A 310 -6.28 -27.60 -15.67
N GLN A 311 -7.39 -27.13 -16.24
CA GLN A 311 -7.90 -27.66 -17.50
C GLN A 311 -7.16 -26.99 -18.66
N PHE A 312 -5.89 -27.35 -18.81
CA PHE A 312 -5.10 -26.80 -19.90
C PHE A 312 -4.02 -27.79 -20.30
N LYS A 313 -3.35 -27.47 -21.41
CA LYS A 313 -2.27 -28.29 -21.92
C LYS A 313 -1.08 -28.25 -20.96
N LYS A 314 -0.52 -29.42 -20.66
CA LYS A 314 0.61 -29.53 -19.74
C LYS A 314 1.90 -29.49 -20.55
N THR A 315 2.67 -28.42 -20.36
CA THR A 315 3.66 -28.01 -21.35
C THR A 315 4.55 -26.93 -20.72
N GLN A 316 5.77 -26.81 -21.23
CA GLN A 316 6.66 -25.72 -20.86
C GLN A 316 6.26 -24.42 -21.55
N ILE A 317 6.45 -23.31 -20.84
CA ILE A 317 6.17 -22.00 -21.40
C ILE A 317 7.27 -21.02 -20.99
N LEU A 318 7.52 -20.05 -21.86
CA LEU A 318 8.47 -18.97 -21.63
C LEU A 318 7.70 -17.65 -21.68
N VAL A 319 7.57 -16.98 -20.55
CA VAL A 319 6.77 -15.76 -20.44
C VAL A 319 7.69 -14.60 -20.08
N GLY A 320 7.28 -13.40 -20.48
CA GLY A 320 8.06 -12.24 -20.13
C GLY A 320 7.37 -10.96 -20.57
N VAL A 321 8.02 -9.84 -20.26
CA VAL A 321 7.44 -8.51 -20.37
C VAL A 321 8.58 -7.52 -20.58
N ASN A 322 8.21 -6.29 -20.94
CA ASN A 322 9.17 -5.19 -21.07
C ASN A 322 9.07 -4.28 -19.87
N LYS A 323 10.05 -3.38 -19.74
CA LYS A 323 10.12 -2.52 -18.57
C LYS A 323 9.09 -1.41 -18.60
N ASP A 324 8.81 -0.85 -19.78
CA ASP A 324 7.93 0.31 -19.92
C ASP A 324 6.84 -0.02 -20.94
N GLU A 325 5.96 -0.95 -20.56
CA GLU A 325 4.90 -1.38 -21.47
C GLU A 325 3.75 -0.38 -21.53
N GLY A 326 3.53 0.39 -20.46
CA GLY A 326 2.42 1.32 -20.45
C GLY A 326 2.64 2.58 -21.26
N THR A 327 3.90 2.95 -21.51
CA THR A 327 4.21 4.27 -22.07
C THR A 327 3.63 4.44 -23.47
N ALA A 328 3.63 3.38 -24.27
CA ALA A 328 3.20 3.50 -25.67
C ALA A 328 1.77 4.00 -25.81
N PHE A 329 0.95 3.82 -24.78
CA PHE A 329 -0.48 4.10 -24.87
C PHE A 329 -0.86 5.47 -24.34
N LEU A 330 0.06 6.18 -23.68
CA LEU A 330 -0.29 7.49 -23.12
C LEU A 330 -0.30 8.57 -24.19
N VAL A 331 0.52 8.45 -25.24
CA VAL A 331 0.55 9.44 -26.31
C VAL A 331 -0.73 9.34 -27.13
N TYR A 332 -1.58 8.36 -26.81
CA TYR A 332 -2.81 8.10 -27.55
C TYR A 332 -4.05 8.53 -26.79
N GLY A 333 -3.94 9.54 -25.93
CA GLY A 333 -5.12 10.05 -25.27
C GLY A 333 -4.91 10.72 -23.92
N ALA A 334 -3.87 10.34 -23.20
CA ALA A 334 -3.65 10.90 -21.88
C ALA A 334 -3.27 12.38 -21.98
N PRO A 335 -3.97 13.27 -21.29
CA PRO A 335 -3.66 14.70 -21.40
C PRO A 335 -2.24 15.00 -20.93
N GLY A 336 -1.59 15.91 -21.64
CA GLY A 336 -0.23 16.32 -21.33
C GLY A 336 0.86 15.44 -21.92
N PHE A 337 0.50 14.41 -22.69
CA PHE A 337 1.45 13.45 -23.23
C PHE A 337 1.59 13.64 -24.72
N SER A 338 2.85 13.67 -25.19
CA SER A 338 3.14 13.77 -26.61
C SER A 338 4.51 13.15 -26.85
N LYS A 339 4.68 12.56 -28.04
CA LYS A 339 5.97 12.03 -28.42
C LYS A 339 6.97 13.13 -28.75
N ASP A 340 6.57 14.39 -28.72
CA ASP A 340 7.43 15.52 -29.05
C ASP A 340 7.76 16.38 -27.84
N ASN A 341 7.19 16.10 -26.68
CA ASN A 341 7.60 16.71 -25.43
C ASN A 341 8.55 15.76 -24.68
N ASN A 342 8.89 16.13 -23.44
CA ASN A 342 9.29 15.17 -22.42
C ASN A 342 8.14 14.82 -21.50
N SER A 343 6.98 15.49 -21.67
CA SER A 343 5.69 15.03 -21.14
C SER A 343 5.68 14.90 -19.63
N ILE A 344 6.16 15.94 -18.97
CA ILE A 344 6.06 16.01 -17.54
C ILE A 344 4.70 16.61 -17.14
N ILE A 345 3.89 15.81 -16.44
CA ILE A 345 2.52 16.18 -16.11
C ILE A 345 2.47 16.61 -14.65
N THR A 346 1.31 17.07 -14.20
CA THR A 346 1.08 17.40 -12.80
C THR A 346 0.00 16.50 -12.22
N ARG A 347 -0.22 16.63 -10.92
CA ARG A 347 -1.09 15.69 -10.20
C ARG A 347 -2.48 15.60 -10.84
N LYS A 348 -3.07 16.74 -11.22
CA LYS A 348 -4.40 16.70 -11.82
C LYS A 348 -4.37 16.05 -13.20
N GLU A 349 -3.32 16.34 -14.00
CA GLU A 349 -3.15 15.63 -15.26
C GLU A 349 -3.06 14.12 -15.04
N PHE A 350 -2.42 13.72 -13.94
CA PHE A 350 -2.34 12.30 -13.59
C PHE A 350 -3.72 11.71 -13.33
N GLN A 351 -4.50 12.37 -12.48
CA GLN A 351 -5.86 11.91 -12.21
C GLN A 351 -6.70 11.89 -13.47
N GLU A 352 -6.57 12.94 -14.31
CA GLU A 352 -7.23 12.94 -15.60
C GLU A 352 -6.71 11.83 -16.50
N GLY A 353 -5.52 11.30 -16.24
CA GLY A 353 -5.06 10.14 -16.98
C GLY A 353 -5.77 8.87 -16.57
N LEU A 354 -6.00 8.68 -15.27
CA LEU A 354 -6.73 7.52 -14.80
C LEU A 354 -8.19 7.58 -15.24
N LYS A 355 -8.77 8.79 -15.22
CA LYS A 355 -9.99 9.11 -15.93
C LYS A 355 -10.12 8.42 -17.27
N ILE A 356 -9.06 8.38 -18.05
CA ILE A 356 -9.10 7.91 -19.42
C ILE A 356 -8.98 6.39 -19.45
N PHE A 357 -8.04 5.85 -18.68
CA PHE A 357 -7.76 4.43 -18.68
C PHE A 357 -8.65 3.64 -17.73
N PHE A 358 -9.29 4.29 -16.76
CA PHE A 358 -10.22 3.64 -15.85
C PHE A 358 -11.51 4.45 -15.82
N PRO A 359 -12.32 4.38 -16.88
CA PRO A 359 -13.52 5.23 -16.97
C PRO A 359 -14.57 4.89 -15.92
N GLY A 360 -14.89 3.60 -15.78
CA GLY A 360 -15.95 3.17 -14.90
C GLY A 360 -15.55 2.91 -13.47
N VAL A 361 -14.35 3.30 -13.05
CA VAL A 361 -13.86 3.05 -11.71
C VAL A 361 -14.29 4.20 -10.79
N SER A 362 -14.71 3.86 -9.58
CA SER A 362 -15.12 4.85 -8.60
C SER A 362 -13.96 5.79 -8.26
N GLU A 363 -14.32 6.98 -7.77
CA GLU A 363 -13.31 7.93 -7.35
C GLU A 363 -12.54 7.46 -6.12
N PHE A 364 -13.15 6.59 -5.30
CA PHE A 364 -12.41 5.96 -4.21
C PHE A 364 -11.39 4.97 -4.75
N GLY A 365 -11.67 4.36 -5.89
CA GLY A 365 -10.75 3.42 -6.50
C GLY A 365 -9.61 4.10 -7.21
N LYS A 366 -9.92 5.15 -7.97
CA LYS A 366 -8.88 5.98 -8.56
C LYS A 366 -7.95 6.51 -7.47
N GLU A 367 -8.52 6.93 -6.34
CA GLU A 367 -7.72 7.54 -5.28
C GLU A 367 -6.77 6.52 -4.67
N SER A 368 -7.22 5.27 -4.55
CA SER A 368 -6.36 4.23 -4.01
C SER A 368 -5.25 3.84 -5.00
N ILE A 369 -5.53 3.89 -6.30
CA ILE A 369 -4.48 3.67 -7.29
C ILE A 369 -3.42 4.76 -7.16
N LEU A 370 -3.86 6.02 -7.06
CA LEU A 370 -2.91 7.12 -6.89
C LEU A 370 -2.06 6.93 -5.65
N PHE A 371 -2.70 6.59 -4.53
CA PHE A 371 -1.96 6.46 -3.27
C PHE A 371 -0.88 5.39 -3.37
N HIS A 372 -1.16 4.29 -4.07
CA HIS A 372 -0.22 3.18 -4.14
C HIS A 372 0.97 3.47 -5.05
N TYR A 373 0.88 4.49 -5.91
CA TYR A 373 1.95 4.79 -6.85
C TYR A 373 2.58 6.15 -6.61
N THR A 374 2.32 6.78 -5.46
CA THR A 374 2.83 8.12 -5.18
C THR A 374 3.81 8.15 -4.01
N ASP A 375 4.29 6.99 -3.56
CA ASP A 375 5.31 6.96 -2.50
C ASP A 375 6.68 7.23 -3.12
N TRP A 376 6.85 8.48 -3.55
CA TRP A 376 8.09 8.89 -4.20
C TRP A 376 9.30 8.56 -3.34
N VAL A 377 10.31 7.92 -3.94
CA VAL A 377 11.58 7.79 -3.27
C VAL A 377 12.30 9.14 -3.25
N ASP A 378 12.04 9.97 -4.26
CA ASP A 378 12.57 11.33 -4.36
C ASP A 378 11.41 12.21 -4.78
N ASP A 379 10.97 13.08 -3.89
CA ASP A 379 9.72 13.82 -4.07
C ASP A 379 9.89 15.16 -4.77
N GLN A 380 11.08 15.45 -5.30
CA GLN A 380 11.31 16.68 -6.04
C GLN A 380 11.47 16.45 -7.52
N ARG A 381 11.38 15.20 -7.99
CA ARG A 381 11.68 15.08 -9.41
C ARG A 381 10.41 15.19 -10.21
N PRO A 382 10.37 16.05 -11.23
CA PRO A 382 9.10 16.29 -11.92
C PRO A 382 8.48 15.03 -12.46
N GLU A 383 9.24 14.19 -13.20
CA GLU A 383 8.65 13.09 -13.96
C GLU A 383 7.98 12.04 -13.09
N ASN A 384 8.00 12.24 -11.78
CA ASN A 384 7.32 11.38 -10.82
C ASN A 384 5.94 10.97 -11.30
N TYR A 385 5.10 11.96 -11.61
CA TYR A 385 3.75 11.65 -12.06
C TYR A 385 3.74 11.14 -13.49
N ARG A 386 4.71 11.57 -14.32
CA ARG A 386 4.80 11.05 -15.68
C ARG A 386 5.16 9.57 -15.69
N GLU A 387 6.17 9.17 -14.92
CA GLU A 387 6.56 7.77 -14.87
C GLU A 387 5.58 6.93 -14.07
N ALA A 388 4.76 7.55 -13.21
CA ALA A 388 3.80 6.79 -12.42
C ALA A 388 2.68 6.23 -13.29
N LEU A 389 2.05 7.09 -14.10
CA LEU A 389 0.92 6.62 -14.91
C LEU A 389 1.37 5.59 -15.94
N GLY A 390 2.56 5.76 -16.52
CA GLY A 390 3.08 4.74 -17.39
C GLY A 390 3.26 3.40 -16.71
N ASP A 391 3.60 3.43 -15.41
CA ASP A 391 3.67 2.19 -14.65
C ASP A 391 2.30 1.64 -14.35
N VAL A 392 1.33 2.50 -14.03
CA VAL A 392 -0.02 2.06 -13.76
C VAL A 392 -0.60 1.34 -14.96
N VAL A 393 -0.50 1.96 -16.14
CA VAL A 393 -1.01 1.34 -17.36
C VAL A 393 -0.30 0.03 -17.63
N GLY A 394 1.03 0.02 -17.47
CA GLY A 394 1.79 -1.18 -17.76
C GLY A 394 1.61 -2.27 -16.72
N ASP A 395 1.57 -1.90 -15.45
CA ASP A 395 1.43 -2.90 -14.39
C ASP A 395 0.10 -3.63 -14.48
N TYR A 396 -0.98 -2.86 -14.66
CA TYR A 396 -2.32 -3.43 -14.61
C TYR A 396 -2.68 -4.19 -15.88
N ASN A 397 -2.13 -3.79 -17.03
CA ASN A 397 -2.53 -4.36 -18.30
C ASN A 397 -1.61 -5.47 -18.81
N PHE A 398 -0.35 -5.51 -18.36
CA PHE A 398 0.59 -6.48 -18.91
C PHE A 398 1.34 -7.24 -17.83
N ILE A 399 2.08 -6.51 -16.99
CA ILE A 399 3.06 -7.14 -16.10
C ILE A 399 2.37 -8.06 -15.10
N CYS A 400 1.48 -7.50 -14.29
CA CYS A 400 0.88 -8.23 -13.17
C CYS A 400 -0.01 -9.38 -13.64
N PRO A 401 -0.76 -9.24 -14.73
CA PRO A 401 -1.43 -10.45 -15.27
C PRO A 401 -0.46 -11.49 -15.78
N ALA A 402 0.61 -11.08 -16.48
CA ALA A 402 1.58 -12.04 -16.99
C ALA A 402 2.23 -12.81 -15.85
N LEU A 403 2.65 -12.10 -14.80
CA LEU A 403 3.21 -12.76 -13.63
C LEU A 403 2.18 -13.66 -12.96
N GLU A 404 0.95 -13.17 -12.81
CA GLU A 404 -0.09 -13.96 -12.17
C GLU A 404 -0.45 -15.19 -13.01
N PHE A 405 -0.40 -15.06 -14.33
CA PHE A 405 -0.66 -16.22 -15.18
C PHE A 405 0.43 -17.28 -15.03
N THR A 406 1.69 -16.84 -15.00
CA THR A 406 2.80 -17.78 -14.81
C THR A 406 2.69 -18.48 -13.46
N LYS A 407 2.44 -17.71 -12.40
CA LYS A 407 2.26 -18.26 -11.07
C LYS A 407 1.22 -19.37 -11.07
N LYS A 408 0.02 -19.08 -11.58
CA LYS A 408 -1.04 -20.08 -11.60
C LYS A 408 -0.70 -21.26 -12.50
N PHE A 409 -0.02 -20.99 -13.62
CA PHE A 409 0.32 -22.07 -14.55
C PHE A 409 1.37 -22.99 -13.96
N SER A 410 2.38 -22.43 -13.30
CA SER A 410 3.45 -23.25 -12.73
C SER A 410 2.96 -24.11 -11.57
N GLU A 411 1.83 -23.75 -10.96
CA GLU A 411 1.32 -24.52 -9.83
C GLU A 411 0.77 -25.88 -10.22
N TRP A 412 0.85 -26.27 -11.49
CA TRP A 412 0.35 -27.55 -11.95
C TRP A 412 1.45 -28.46 -12.49
N GLY A 413 2.71 -28.15 -12.23
CA GLY A 413 3.79 -29.10 -12.41
C GLY A 413 4.62 -28.98 -13.66
N ASN A 414 4.48 -27.90 -14.43
CA ASN A 414 5.27 -27.71 -15.64
C ASN A 414 6.23 -26.54 -15.45
N ASN A 415 7.43 -26.70 -16.00
CA ASN A 415 8.46 -25.67 -15.84
C ASN A 415 8.07 -24.40 -16.58
N ALA A 416 8.19 -23.27 -15.90
CA ALA A 416 7.94 -21.96 -16.50
C ALA A 416 9.17 -21.08 -16.29
N PHE A 417 9.45 -20.24 -17.28
CA PHE A 417 10.59 -19.33 -17.25
C PHE A 417 10.10 -17.93 -17.54
N PHE A 418 10.43 -16.99 -16.67
CA PHE A 418 10.00 -15.60 -16.80
C PHE A 418 11.18 -14.70 -17.08
N TYR A 419 10.97 -13.70 -17.94
CA TYR A 419 12.00 -12.74 -18.29
C TYR A 419 11.49 -11.31 -18.12
N TYR A 420 12.43 -10.40 -17.90
CA TYR A 420 12.16 -8.97 -17.75
C TYR A 420 13.08 -8.24 -18.72
N PHE A 421 12.55 -7.87 -19.88
CA PHE A 421 13.34 -7.23 -20.92
C PHE A 421 13.53 -5.75 -20.58
N GLU A 422 14.78 -5.34 -20.42
CA GLU A 422 15.10 -4.04 -19.84
C GLU A 422 15.87 -3.10 -20.76
N HIS A 423 16.14 -3.49 -22.00
CA HIS A 423 17.00 -2.70 -22.87
C HIS A 423 16.18 -1.87 -23.85
N ARG A 424 16.49 -0.58 -23.93
CA ARG A 424 15.90 0.30 -24.93
C ARG A 424 16.74 0.27 -26.19
N SER A 425 16.10 0.02 -27.34
CA SER A 425 16.81 -0.08 -28.59
C SER A 425 17.48 1.24 -28.95
N SER A 426 18.68 1.15 -29.52
CA SER A 426 19.41 2.35 -29.93
C SER A 426 18.73 3.06 -31.08
N LYS A 427 17.83 2.40 -31.80
CA LYS A 427 17.14 2.97 -32.93
C LYS A 427 15.67 3.26 -32.64
N LEU A 428 15.25 3.14 -31.39
CA LEU A 428 13.87 3.41 -30.97
C LEU A 428 13.49 4.82 -31.38
N PRO A 429 12.57 4.99 -32.33
CA PRO A 429 12.25 6.34 -32.83
C PRO A 429 11.45 7.17 -31.85
N TRP A 430 10.81 6.56 -30.86
CA TRP A 430 10.06 7.32 -29.88
C TRP A 430 10.99 8.05 -28.92
N PRO A 431 10.52 9.09 -28.25
CA PRO A 431 11.33 9.75 -27.24
C PRO A 431 11.71 8.78 -26.12
N GLU A 432 12.79 9.11 -25.41
CA GLU A 432 13.30 8.18 -24.42
C GLU A 432 12.53 8.21 -23.10
N TRP A 433 11.64 9.19 -22.90
CA TRP A 433 10.78 9.14 -21.73
C TRP A 433 9.82 7.97 -21.79
N MET A 434 9.57 7.41 -22.98
CA MET A 434 8.77 6.21 -23.12
C MET A 434 9.58 4.94 -22.88
N GLY A 435 10.90 5.03 -22.84
CA GLY A 435 11.80 3.97 -22.41
C GLY A 435 11.66 2.69 -23.22
N VAL A 436 11.83 1.56 -22.52
CA VAL A 436 11.75 0.23 -23.11
C VAL A 436 10.29 -0.09 -23.42
N MET A 437 9.86 0.20 -24.64
CA MET A 437 8.44 0.28 -24.95
C MET A 437 7.85 -1.10 -25.24
N HIS A 438 6.51 -1.12 -25.24
CA HIS A 438 5.76 -2.29 -25.66
C HIS A 438 6.05 -2.62 -27.11
N GLY A 439 6.32 -3.91 -27.36
CA GLY A 439 6.56 -4.38 -28.71
C GLY A 439 7.94 -4.10 -29.27
N TYR A 440 8.87 -3.57 -28.49
CA TYR A 440 10.19 -3.25 -29.01
C TYR A 440 11.25 -4.24 -28.50
N GLU A 441 10.83 -5.40 -28.01
CA GLU A 441 11.70 -6.54 -27.85
C GLU A 441 11.64 -7.49 -29.03
N ILE A 442 10.65 -7.32 -29.91
CA ILE A 442 10.49 -8.23 -31.05
C ILE A 442 11.69 -8.15 -31.98
N GLU A 443 12.30 -6.96 -32.07
CA GLU A 443 13.39 -6.79 -33.03
C GLU A 443 14.56 -7.65 -32.62
N PHE A 444 14.76 -7.77 -31.31
CA PHE A 444 15.82 -8.59 -30.77
C PHE A 444 15.45 -10.07 -30.80
N VAL A 445 14.16 -10.39 -30.66
CA VAL A 445 13.75 -11.80 -30.72
C VAL A 445 14.01 -12.38 -32.09
N PHE A 446 13.71 -11.63 -33.15
CA PHE A 446 13.90 -12.10 -34.52
C PHE A 446 15.33 -11.88 -35.03
N GLY A 447 16.19 -11.24 -34.25
CA GLY A 447 17.60 -11.17 -34.59
C GLY A 447 17.99 -10.07 -35.55
N LEU A 448 17.18 -9.03 -35.69
CA LEU A 448 17.55 -7.92 -36.55
C LEU A 448 18.90 -7.27 -36.18
N PRO A 449 19.28 -7.16 -34.89
CA PRO A 449 20.62 -6.62 -34.59
C PRO A 449 21.78 -7.50 -35.03
N LEU A 450 21.53 -8.73 -35.46
CA LEU A 450 22.62 -9.55 -36.00
C LEU A 450 23.10 -9.05 -37.34
N GLU A 451 22.27 -8.33 -38.08
CA GLU A 451 22.67 -7.77 -39.36
C GLU A 451 23.58 -6.57 -39.12
N ARG A 452 24.81 -6.66 -39.62
CA ARG A 452 25.83 -5.66 -39.30
C ARG A 452 25.60 -4.33 -40.00
N ARG A 453 24.86 -4.31 -41.11
CA ARG A 453 24.65 -3.10 -41.89
C ARG A 453 23.46 -2.28 -41.40
N ASP A 454 22.99 -2.50 -40.18
CA ASP A 454 21.76 -1.89 -39.70
C ASP A 454 21.96 -0.79 -38.67
N ASN A 455 23.21 -0.47 -38.31
CA ASN A 455 23.53 0.58 -37.35
C ASN A 455 23.09 0.23 -35.93
N TYR A 456 22.97 -1.06 -35.62
CA TYR A 456 22.82 -1.49 -34.24
C TYR A 456 24.19 -1.54 -33.57
N THR A 457 24.21 -1.35 -32.24
CA THR A 457 25.46 -1.41 -31.52
C THR A 457 25.97 -2.85 -31.44
N LYS A 458 27.25 -2.99 -31.09
CA LYS A 458 27.82 -4.31 -30.90
C LYS A 458 27.19 -5.02 -29.70
N ALA A 459 26.95 -4.28 -28.63
CA ALA A 459 26.29 -4.85 -27.46
C ALA A 459 24.87 -5.30 -27.79
N GLU A 460 24.20 -4.60 -28.71
CA GLU A 460 22.86 -5.00 -29.10
C GLU A 460 22.87 -6.24 -29.97
N GLU A 461 23.92 -6.44 -30.75
CA GLU A 461 24.06 -7.70 -31.48
C GLU A 461 24.31 -8.86 -30.53
N ILE A 462 25.15 -8.63 -29.52
CA ILE A 462 25.43 -9.68 -28.54
C ILE A 462 24.15 -10.06 -27.79
N LEU A 463 23.38 -9.06 -27.36
CA LEU A 463 22.12 -9.34 -26.68
C LEU A 463 21.14 -10.06 -27.61
N SER A 464 21.02 -9.59 -28.84
CA SER A 464 20.13 -10.24 -29.80
C SER A 464 20.58 -11.67 -30.08
N ARG A 465 21.89 -11.87 -30.29
CA ARG A 465 22.41 -13.22 -30.48
CA ARG A 465 22.41 -13.22 -30.48
C ARG A 465 22.10 -14.12 -29.29
N SER A 466 22.08 -13.55 -28.09
CA SER A 466 21.76 -14.32 -26.90
C SER A 466 20.27 -14.68 -26.85
N ILE A 467 19.41 -13.67 -26.98
CA ILE A 467 17.96 -13.89 -26.94
C ILE A 467 17.56 -14.93 -27.99
N VAL A 468 18.14 -14.83 -29.19
CA VAL A 468 17.79 -15.77 -30.25
C VAL A 468 18.20 -17.19 -29.88
N LYS A 469 19.41 -17.36 -29.34
CA LYS A 469 19.86 -18.69 -28.94
C LYS A 469 18.95 -19.28 -27.86
N ARG A 470 18.52 -18.45 -26.90
CA ARG A 470 17.70 -18.96 -25.80
C ARG A 470 16.28 -19.27 -26.26
N TRP A 471 15.71 -18.43 -27.12
CA TRP A 471 14.38 -18.71 -27.66
C TRP A 471 14.38 -20.02 -28.45
N ALA A 472 15.39 -20.22 -29.29
CA ALA A 472 15.46 -21.43 -30.11
C ALA A 472 15.78 -22.64 -29.25
N ASN A 473 16.60 -22.48 -28.22
CA ASN A 473 16.91 -23.60 -27.33
C ASN A 473 15.69 -23.99 -26.51
N PHE A 474 14.87 -23.00 -26.11
CA PHE A 474 13.61 -23.33 -25.44
C PHE A 474 12.69 -24.10 -26.38
N ALA A 475 12.72 -23.76 -27.67
CA ALA A 475 11.86 -24.45 -28.63
C ALA A 475 12.28 -25.90 -28.80
N LYS A 476 13.58 -26.14 -28.98
CA LYS A 476 14.05 -27.49 -29.26
C LYS A 476 13.98 -28.39 -28.03
N TYR A 477 14.27 -27.84 -26.84
CA TYR A 477 14.50 -28.67 -25.67
C TYR A 477 13.61 -28.35 -24.48
N GLY A 478 12.82 -27.27 -24.51
CA GLY A 478 12.03 -26.92 -23.36
C GLY A 478 12.82 -26.31 -22.22
N ASN A 479 13.99 -25.76 -22.52
CA ASN A 479 14.88 -25.13 -21.56
C ASN A 479 15.57 -23.97 -22.27
N PRO A 480 15.40 -22.74 -21.80
CA PRO A 480 16.00 -21.59 -22.48
C PRO A 480 17.46 -21.35 -22.12
N ASN A 481 18.27 -22.41 -22.20
CA ASN A 481 19.69 -22.22 -21.96
C ASN A 481 20.36 -21.55 -23.15
N GLU A 482 21.57 -21.07 -22.90
CA GLU A 482 22.41 -20.48 -23.93
C GLU A 482 23.62 -21.40 -24.17
N THR A 483 24.53 -21.48 -23.22
CA THR A 483 25.62 -22.44 -23.22
C THR A 483 25.57 -23.24 -21.93
N GLN A 484 26.26 -24.37 -21.92
CA GLN A 484 26.51 -25.05 -20.65
C GLN A 484 27.46 -24.25 -19.77
N ASN A 485 28.41 -23.54 -20.38
CA ASN A 485 29.43 -22.79 -19.67
C ASN A 485 29.42 -21.33 -20.11
N ASN A 486 29.89 -20.44 -19.21
CA ASN A 486 29.96 -19.00 -19.46
C ASN A 486 28.58 -18.37 -19.62
N SER A 487 27.53 -18.95 -19.06
CA SER A 487 26.20 -18.41 -19.25
C SER A 487 25.44 -18.35 -17.94
N THR A 488 24.74 -17.25 -17.72
CA THR A 488 23.86 -17.11 -16.57
C THR A 488 22.71 -18.10 -16.68
N SER A 489 22.55 -18.93 -15.66
CA SER A 489 21.51 -19.96 -15.69
C SER A 489 20.13 -19.34 -15.47
N TRP A 490 19.18 -19.71 -16.33
CA TRP A 490 17.81 -19.25 -16.22
C TRP A 490 17.03 -20.24 -15.36
N PRO A 491 16.66 -19.89 -14.13
CA PRO A 491 15.93 -20.83 -13.27
C PRO A 491 14.43 -20.81 -13.59
N VAL A 492 13.72 -21.77 -13.00
CA VAL A 492 12.30 -21.91 -13.24
C VAL A 492 11.53 -20.96 -12.34
N PHE A 493 10.39 -20.50 -12.84
CA PHE A 493 9.46 -19.71 -12.06
C PHE A 493 8.55 -20.65 -11.27
N LYS A 494 8.58 -20.53 -9.94
CA LYS A 494 7.68 -21.29 -9.09
C LYS A 494 7.15 -20.35 -8.00
N SER A 495 5.87 -20.54 -7.66
CA SER A 495 5.10 -19.55 -6.92
C SER A 495 5.76 -19.07 -5.63
N THR A 496 6.66 -19.86 -5.05
CA THR A 496 7.31 -19.44 -3.81
C THR A 496 8.35 -18.36 -4.08
N GLU A 497 9.39 -18.70 -4.83
CA GLU A 497 10.50 -17.76 -5.03
C GLU A 497 10.24 -16.78 -6.18
N GLN A 498 9.52 -17.21 -7.21
CA GLN A 498 9.14 -16.36 -8.34
C GLN A 498 10.37 -15.72 -8.98
N LYS A 499 11.27 -16.58 -9.43
CA LYS A 499 12.57 -16.14 -9.96
C LYS A 499 12.47 -15.85 -11.45
N TYR A 500 12.92 -14.66 -11.85
CA TYR A 500 12.95 -14.27 -13.25
C TYR A 500 14.36 -13.89 -13.66
N LEU A 501 14.54 -13.70 -14.96
CA LEU A 501 15.82 -13.34 -15.55
C LEU A 501 15.70 -11.99 -16.24
N THR A 502 16.64 -11.10 -15.97
CA THR A 502 16.67 -9.80 -16.63
C THR A 502 17.47 -9.89 -17.92
N LEU A 503 17.02 -9.12 -18.91
CA LEU A 503 17.62 -9.14 -20.25
C LEU A 503 17.99 -7.72 -20.65
N ASN A 504 19.29 -7.42 -20.64
CA ASN A 504 19.80 -6.14 -21.09
C ASN A 504 21.29 -6.31 -21.40
N THR A 505 21.92 -5.21 -21.79
CA THR A 505 23.30 -5.24 -22.26
C THR A 505 24.34 -5.15 -21.15
N GLU A 506 23.98 -4.55 -20.01
CA GLU A 506 24.93 -4.45 -18.90
C GLU A 506 25.24 -5.82 -18.33
N SER A 507 24.27 -6.43 -17.63
CA SER A 507 24.47 -7.74 -17.05
C SER A 507 23.13 -8.39 -16.79
N THR A 508 22.97 -9.63 -17.24
CA THR A 508 21.78 -10.42 -16.96
C THR A 508 21.95 -11.13 -15.62
N ARG A 509 20.94 -11.01 -14.76
CA ARG A 509 21.05 -11.60 -13.43
C ARG A 509 19.69 -12.09 -12.96
N ILE A 510 19.72 -12.98 -11.97
CA ILE A 510 18.52 -13.58 -11.40
C ILE A 510 18.03 -12.70 -10.26
N MET A 511 16.72 -12.46 -10.23
CA MET A 511 16.10 -11.78 -9.09
C MET A 511 14.70 -12.34 -8.90
N THR A 512 14.02 -11.84 -7.86
CA THR A 512 12.82 -12.46 -7.35
C THR A 512 11.68 -11.45 -7.24
N LYS A 513 10.45 -11.96 -7.35
CA LYS A 513 9.22 -11.23 -7.05
C LYS A 513 9.19 -9.87 -7.77
N LEU A 514 8.96 -9.96 -9.08
CA LEU A 514 8.96 -8.78 -9.93
C LEU A 514 7.77 -7.89 -9.60
N ARG A 515 8.04 -6.62 -9.28
CA ARG A 515 7.05 -5.63 -8.90
C ARG A 515 5.99 -6.22 -7.97
N ALA A 516 6.42 -6.98 -6.97
CA ALA A 516 5.48 -7.70 -6.13
C ALA A 516 4.62 -6.76 -5.29
N GLN A 517 5.18 -5.63 -4.86
CA GLN A 517 4.39 -4.66 -4.11
C GLN A 517 3.34 -4.00 -4.99
N GLN A 518 3.63 -3.84 -6.29
CA GLN A 518 2.64 -3.27 -7.20
C GLN A 518 1.62 -4.31 -7.64
N CYS A 519 2.08 -5.53 -7.93
CA CYS A 519 1.17 -6.56 -8.39
C CYS A 519 0.19 -6.98 -7.31
N ARG A 520 0.59 -6.91 -6.04
CA ARG A 520 -0.32 -7.25 -4.96
C ARG A 520 -1.53 -6.34 -4.97
N PHE A 521 -1.34 -5.06 -5.28
CA PHE A 521 -2.46 -4.13 -5.37
C PHE A 521 -3.44 -4.58 -6.44
N TRP A 522 -2.94 -4.90 -7.64
CA TRP A 522 -3.83 -5.16 -8.78
C TRP A 522 -4.54 -6.49 -8.66
N THR A 523 -3.94 -7.48 -8.00
CA THR A 523 -4.57 -8.79 -7.89
C THR A 523 -5.41 -8.96 -6.64
N SER A 524 -5.10 -8.23 -5.56
CA SER A 524 -5.70 -8.50 -4.27
C SER A 524 -6.52 -7.34 -3.69
N PHE A 525 -6.40 -6.13 -4.23
CA PHE A 525 -7.20 -5.01 -3.72
C PHE A 525 -8.08 -4.39 -4.79
N PHE A 526 -7.54 -4.14 -5.98
CA PHE A 526 -8.32 -3.49 -7.03
C PHE A 526 -9.58 -4.26 -7.44
N PRO A 527 -9.59 -5.60 -7.48
CA PRO A 527 -10.87 -6.29 -7.78
C PRO A 527 -11.99 -5.96 -6.80
N LYS A 528 -11.67 -5.83 -5.50
CA LYS A 528 -12.68 -5.51 -4.51
C LYS A 528 -13.15 -4.06 -4.57
N VAL A 529 -12.68 -3.29 -5.55
CA VAL A 529 -12.99 -1.88 -5.63
C VAL A 529 -14.13 -1.64 -6.63
N ILE B 4 10.71 19.84 59.40
CA ILE B 4 10.88 20.12 57.98
C ILE B 4 9.63 20.82 57.46
N ILE B 5 9.64 22.14 57.51
CA ILE B 5 8.46 22.92 57.16
C ILE B 5 8.86 24.02 56.18
N ILE B 6 7.91 24.42 55.34
CA ILE B 6 8.11 25.44 54.33
C ILE B 6 6.89 26.34 54.29
N ALA B 7 7.10 27.64 54.21
CA ALA B 7 6.01 28.61 54.21
C ALA B 7 5.63 28.92 52.77
N THR B 8 4.51 28.34 52.32
CA THR B 8 3.93 28.73 51.05
C THR B 8 3.28 30.11 51.18
N LYS B 9 2.70 30.60 50.08
CA LYS B 9 1.98 31.86 50.12
C LYS B 9 0.54 31.69 50.59
N ASN B 10 0.12 30.47 50.90
CA ASN B 10 -1.18 30.22 51.50
C ASN B 10 -1.07 29.62 52.90
N GLY B 11 0.12 29.33 53.37
CA GLY B 11 0.31 28.80 54.71
C GLY B 11 1.55 27.92 54.79
N LYS B 12 1.70 27.30 55.94
CA LYS B 12 2.81 26.39 56.21
C LYS B 12 2.39 24.96 55.95
N VAL B 13 3.35 24.14 55.49
CA VAL B 13 3.14 22.71 55.31
C VAL B 13 4.32 21.95 55.89
N ARG B 14 4.02 20.81 56.49
CA ARG B 14 5.01 19.95 57.13
C ARG B 14 5.29 18.76 56.22
N GLY B 15 6.58 18.42 56.10
CA GLY B 15 7.02 17.34 55.25
C GLY B 15 7.57 16.16 56.03
N MET B 16 8.01 15.15 55.28
CA MET B 16 8.61 13.96 55.87
C MET B 16 9.92 13.64 55.18
N ASN B 17 10.83 13.02 55.95
CA ASN B 17 12.15 12.65 55.48
C ASN B 17 12.09 11.24 54.90
N LEU B 18 12.49 11.10 53.64
CA LEU B 18 12.58 9.81 52.98
C LEU B 18 14.05 9.41 52.82
N THR B 19 14.38 8.18 53.21
CA THR B 19 15.73 7.66 53.03
C THR B 19 15.77 6.90 51.71
N VAL B 20 16.48 7.45 50.72
CA VAL B 20 16.50 6.92 49.37
C VAL B 20 17.96 6.73 48.96
N PHE B 21 18.36 5.48 48.71
CA PHE B 21 19.69 5.16 48.19
C PHE B 21 20.79 5.66 49.12
N GLY B 22 20.58 5.52 50.43
CA GLY B 22 21.56 5.98 51.38
C GLY B 22 21.46 7.46 51.68
N GLY B 23 20.97 8.25 50.71
CA GLY B 23 20.72 9.65 50.91
C GLY B 23 19.33 9.89 51.47
N THR B 24 18.94 11.17 51.51
CA THR B 24 17.62 11.55 51.96
C THR B 24 16.99 12.51 50.96
N VAL B 25 15.68 12.37 50.77
CA VAL B 25 14.88 13.30 49.97
C VAL B 25 13.65 13.66 50.79
N THR B 26 13.32 14.94 50.82
CA THR B 26 12.18 15.42 51.59
C THR B 26 10.95 15.47 50.71
N ALA B 27 9.86 14.88 51.19
CA ALA B 27 8.62 14.73 50.42
C ALA B 27 7.48 15.49 51.09
N PHE B 28 6.69 16.17 50.28
CA PHE B 28 5.48 16.86 50.72
C PHE B 28 4.32 16.28 49.91
N LEU B 29 3.52 15.42 50.54
CA LEU B 29 2.47 14.67 49.85
C LEU B 29 1.10 15.22 50.22
N GLY B 30 0.39 15.76 49.24
CA GLY B 30 -1.00 16.13 49.42
C GLY B 30 -1.24 17.54 49.92
N ILE B 31 -0.64 18.53 49.27
CA ILE B 31 -0.90 19.94 49.59
C ILE B 31 -2.04 20.43 48.72
N PRO B 32 -3.10 21.02 49.28
CA PRO B 32 -4.19 21.53 48.45
C PRO B 32 -3.75 22.74 47.64
N TYR B 33 -3.95 22.67 46.34
CA TYR B 33 -3.66 23.78 45.45
C TYR B 33 -4.92 24.47 44.93
N ALA B 34 -6.09 24.02 45.35
CA ALA B 34 -7.34 24.63 44.91
C ALA B 34 -8.41 24.35 45.94
N GLN B 35 -9.47 25.15 45.89
CA GLN B 35 -10.62 24.89 46.72
C GLN B 35 -11.25 23.55 46.32
N PRO B 36 -11.66 22.74 47.29
CA PRO B 36 -12.27 21.45 46.96
C PRO B 36 -13.52 21.64 46.12
N PRO B 37 -13.57 21.00 44.93
CA PRO B 37 -14.67 21.22 43.96
C PRO B 37 -15.94 20.42 44.25
N LEU B 38 -16.70 20.88 45.24
CA LEU B 38 -17.85 20.13 45.75
C LEU B 38 -19.09 21.01 45.74
N GLY B 39 -20.25 20.35 45.78
CA GLY B 39 -21.53 21.03 45.89
C GLY B 39 -21.81 22.02 44.80
N ARG B 40 -21.82 23.30 45.15
CA ARG B 40 -22.02 24.36 44.16
C ARG B 40 -20.92 24.39 43.11
N LEU B 41 -19.72 23.89 43.44
CA LEU B 41 -18.54 24.08 42.62
C LEU B 41 -18.26 22.91 41.67
N ARG B 42 -19.01 21.82 41.78
CA ARG B 42 -18.90 20.73 40.83
C ARG B 42 -19.13 21.22 39.40
N PHE B 43 -18.31 20.72 38.48
CA PHE B 43 -18.30 21.02 37.05
C PHE B 43 -17.69 22.39 36.74
N LYS B 44 -17.27 23.16 37.73
CA LYS B 44 -16.71 24.49 37.50
C LYS B 44 -15.19 24.43 37.43
N LYS B 45 -14.61 25.48 36.86
CA LYS B 45 -13.16 25.64 36.89
C LYS B 45 -12.68 25.72 38.34
N PRO B 46 -11.46 25.27 38.63
CA PRO B 46 -11.00 25.25 40.02
C PRO B 46 -10.92 26.65 40.59
N GLN B 47 -11.42 26.80 41.82
CA GLN B 47 -11.42 28.09 42.49
C GLN B 47 -10.15 28.24 43.32
N SER B 48 -9.54 29.42 43.23
CA SER B 48 -8.33 29.71 44.00
C SER B 48 -8.62 29.62 45.49
N LEU B 49 -7.61 29.22 46.25
CA LEU B 49 -7.73 28.92 47.66
C LEU B 49 -7.26 30.10 48.50
N THR B 50 -7.88 30.25 49.67
CA THR B 50 -7.46 31.25 50.64
C THR B 50 -6.52 30.60 51.67
N LYS B 51 -5.82 31.45 52.41
CA LYS B 51 -4.83 30.97 53.37
C LYS B 51 -5.49 30.27 54.54
N TRP B 52 -4.78 29.29 55.10
CA TRP B 52 -5.18 28.62 56.32
C TRP B 52 -4.22 29.00 57.43
N SER B 53 -4.77 29.32 58.61
CA SER B 53 -3.94 29.79 59.72
C SER B 53 -3.18 28.67 60.42
N ASP B 54 -3.66 27.44 60.33
CA ASP B 54 -3.00 26.31 60.98
C ASP B 54 -1.76 25.92 60.18
N ILE B 55 -1.16 24.78 60.52
CA ILE B 55 -0.16 24.17 59.67
C ILE B 55 -0.80 22.99 58.96
N TRP B 56 -0.53 22.87 57.67
CA TRP B 56 -1.09 21.77 56.89
C TRP B 56 -0.17 20.56 56.95
N ASN B 57 -0.78 19.38 57.03
CA ASN B 57 0.00 18.14 57.08
C ASN B 57 0.02 17.49 55.71
N ALA B 58 1.18 17.58 55.07
CA ALA B 58 1.46 16.91 53.80
C ALA B 58 2.33 15.68 54.06
N THR B 59 1.77 14.78 54.86
CA THR B 59 2.47 13.61 55.35
C THR B 59 2.00 12.31 54.72
N LYS B 60 0.98 12.37 53.86
CA LYS B 60 0.47 11.19 53.19
C LYS B 60 -0.24 11.60 51.92
N TYR B 61 -0.26 10.70 50.94
CA TYR B 61 -0.93 10.96 49.68
C TYR B 61 -2.38 11.34 49.93
N ALA B 62 -2.89 12.28 49.12
CA ALA B 62 -4.26 12.73 49.25
C ALA B 62 -5.20 11.78 48.51
N ASN B 63 -6.50 12.05 48.61
CA ASN B 63 -7.48 11.22 47.96
C ASN B 63 -7.45 11.43 46.45
N SER B 64 -7.62 10.34 45.71
CA SER B 64 -7.70 10.43 44.26
C SER B 64 -9.08 10.91 43.83
N CYS B 65 -9.12 11.55 42.67
CA CYS B 65 -10.38 12.07 42.15
C CYS B 65 -11.31 10.92 41.77
N CYS B 66 -12.61 11.20 41.82
CA CYS B 66 -13.61 10.17 41.56
C CYS B 66 -13.45 9.62 40.15
N GLN B 67 -13.42 8.29 40.05
CA GLN B 67 -13.17 7.64 38.77
C GLN B 67 -13.65 6.21 38.84
N ASN B 68 -13.94 5.64 37.67
CA ASN B 68 -14.20 4.21 37.60
C ASN B 68 -12.89 3.44 37.73
N ILE B 69 -13.00 2.18 38.12
CA ILE B 69 -11.85 1.38 38.51
C ILE B 69 -11.79 0.11 37.68
N ASP B 70 -10.62 -0.16 37.12
CA ASP B 70 -10.40 -1.34 36.27
C ASP B 70 -10.48 -2.61 37.12
N GLN B 71 -11.57 -3.35 36.96
CA GLN B 71 -11.74 -4.62 37.64
C GLN B 71 -12.08 -5.73 36.64
N SER B 72 -11.51 -5.64 35.43
CA SER B 72 -11.70 -6.68 34.44
C SER B 72 -10.98 -7.97 34.85
N PHE B 73 -9.82 -7.83 35.51
CA PHE B 73 -9.03 -8.98 35.95
C PHE B 73 -8.80 -8.82 37.45
N PRO B 74 -9.71 -9.32 38.29
CA PRO B 74 -9.53 -9.19 39.75
C PRO B 74 -8.33 -9.99 40.22
N GLY B 75 -7.50 -9.36 41.04
CA GLY B 75 -6.28 -9.96 41.55
C GLY B 75 -5.07 -9.73 40.68
N PHE B 76 -5.26 -9.50 39.39
CA PHE B 76 -4.15 -9.45 38.45
C PHE B 76 -3.36 -8.15 38.61
N HIS B 77 -2.09 -8.28 39.00
CA HIS B 77 -1.23 -7.12 39.26
C HIS B 77 -1.11 -6.21 38.04
N GLY B 78 -1.23 -6.77 36.83
CA GLY B 78 -1.03 -5.96 35.63
C GLY B 78 -2.11 -4.95 35.38
N SER B 79 -3.35 -5.27 35.74
CA SER B 79 -4.45 -4.32 35.59
C SER B 79 -4.68 -3.51 36.85
N GLU B 80 -4.36 -4.07 38.02
CA GLU B 80 -4.66 -3.41 39.29
C GLU B 80 -3.61 -2.39 39.70
N MET B 81 -2.42 -2.42 39.09
CA MET B 81 -1.39 -1.45 39.44
C MET B 81 -1.70 -0.05 38.95
N TRP B 82 -2.70 0.11 38.08
CA TRP B 82 -3.12 1.42 37.59
C TRP B 82 -4.32 1.98 38.34
N ASN B 83 -4.95 1.17 39.19
CA ASN B 83 -6.08 1.63 39.98
C ASN B 83 -5.59 2.58 41.08
N PRO B 84 -6.47 3.44 41.59
CA PRO B 84 -6.06 4.37 42.64
C PRO B 84 -5.73 3.63 43.93
N ASN B 85 -4.70 4.13 44.63
CA ASN B 85 -4.25 3.53 45.87
C ASN B 85 -4.65 4.32 47.11
N THR B 86 -5.34 5.44 46.94
CA THR B 86 -5.92 6.18 48.05
C THR B 86 -7.45 6.19 47.88
N ASP B 87 -8.14 6.75 48.86
CA ASP B 87 -9.59 6.81 48.79
C ASP B 87 -10.03 7.76 47.68
N LEU B 88 -11.18 7.46 47.09
CA LEU B 88 -11.75 8.31 46.06
C LEU B 88 -12.70 9.31 46.68
N SER B 89 -12.62 10.56 46.21
CA SER B 89 -13.45 11.63 46.74
C SER B 89 -13.38 12.81 45.81
N GLU B 90 -14.47 13.58 45.75
CA GLU B 90 -14.47 14.81 44.96
C GLU B 90 -13.48 15.84 45.52
N ASP B 91 -13.11 15.71 46.79
CA ASP B 91 -12.08 16.53 47.41
C ASP B 91 -10.74 15.89 47.09
N CYS B 92 -10.17 16.30 45.95
CA CYS B 92 -8.97 15.63 45.44
C CYS B 92 -7.92 16.57 44.85
N LEU B 93 -8.15 17.88 44.85
CA LEU B 93 -7.22 18.80 44.18
C LEU B 93 -6.04 19.05 45.11
N TYR B 94 -5.03 18.18 44.99
CA TYR B 94 -3.83 18.25 45.80
C TYR B 94 -2.62 17.92 44.93
N LEU B 95 -1.44 18.28 45.42
CA LEU B 95 -0.20 18.02 44.70
C LEU B 95 0.86 17.50 45.64
N ASN B 96 1.93 16.95 45.06
CA ASN B 96 3.06 16.41 45.81
C ASN B 96 4.34 17.08 45.34
N VAL B 97 5.28 17.25 46.27
CA VAL B 97 6.58 17.86 45.98
C VAL B 97 7.67 17.00 46.62
N TRP B 98 8.62 16.57 45.80
CA TRP B 98 9.81 15.86 46.27
C TRP B 98 11.03 16.76 46.07
N ILE B 99 11.92 16.81 47.06
CA ILE B 99 13.04 17.74 47.04
C ILE B 99 14.31 17.09 47.58
N PRO B 100 15.43 17.19 46.86
CA PRO B 100 16.68 16.59 47.33
C PRO B 100 17.10 17.14 48.69
N ALA B 101 17.94 16.36 49.37
CA ALA B 101 18.61 16.81 50.58
C ALA B 101 20.11 16.57 50.40
N PRO B 102 20.96 17.58 50.62
CA PRO B 102 20.62 18.93 51.10
C PRO B 102 19.78 19.73 50.11
N LYS B 103 18.87 20.53 50.63
CA LYS B 103 17.92 21.26 49.81
C LYS B 103 18.65 22.13 48.78
N PRO B 104 18.32 22.03 47.49
CA PRO B 104 18.94 22.92 46.49
C PRO B 104 18.35 24.31 46.61
N LYS B 105 18.86 25.27 45.86
CA LYS B 105 18.21 26.57 45.91
C LYS B 105 17.77 27.10 44.55
N ASN B 106 18.26 26.59 43.42
CA ASN B 106 17.45 26.79 42.20
C ASN B 106 17.50 25.56 41.35
N ALA B 107 17.18 24.38 41.81
CA ALA B 107 17.00 23.27 40.92
C ALA B 107 15.88 23.54 39.92
N THR B 108 16.05 23.04 38.68
CA THR B 108 14.92 22.90 37.77
C THR B 108 13.87 22.00 38.42
N VAL B 109 12.67 22.01 37.84
CA VAL B 109 11.57 21.23 38.40
C VAL B 109 10.84 20.50 37.27
N LEU B 110 10.48 19.26 37.53
CA LEU B 110 9.76 18.41 36.58
C LEU B 110 8.37 18.14 37.14
N ILE B 111 7.34 18.47 36.36
CA ILE B 111 5.96 18.31 36.77
C ILE B 111 5.35 17.17 35.96
N TRP B 112 4.83 16.17 36.66
CA TRP B 112 4.26 14.97 36.04
C TRP B 112 2.75 15.12 35.93
N ILE B 113 2.22 14.89 34.72
CA ILE B 113 0.78 14.84 34.48
C ILE B 113 0.44 13.41 34.10
N TYR B 114 -0.32 12.73 34.95
CA TYR B 114 -0.61 11.33 34.71
C TYR B 114 -1.63 11.16 33.60
N GLY B 115 -1.60 9.98 32.98
CA GLY B 115 -2.59 9.59 31.99
C GLY B 115 -3.67 8.71 32.60
N GLY B 116 -4.44 8.09 31.71
CA GLY B 116 -5.59 7.31 32.13
C GLY B 116 -6.81 7.63 31.27
N GLY B 117 -6.56 8.02 30.03
CA GLY B 117 -7.62 8.29 29.08
C GLY B 117 -8.54 9.42 29.45
N PHE B 118 -8.08 10.35 30.29
CA PHE B 118 -8.89 11.40 30.89
C PHE B 118 -10.05 10.85 31.71
N GLN B 119 -10.07 9.54 31.95
CA GLN B 119 -11.11 8.87 32.72
C GLN B 119 -10.63 8.43 34.10
N THR B 120 -9.36 8.11 34.25
CA THR B 120 -8.82 7.57 35.49
C THR B 120 -7.47 8.22 35.76
N GLY B 121 -6.79 7.71 36.77
CA GLY B 121 -5.43 8.10 37.08
C GLY B 121 -5.34 8.85 38.40
N THR B 122 -4.14 8.79 38.99
CA THR B 122 -3.85 9.54 40.21
C THR B 122 -2.33 9.64 40.40
N SER B 123 -1.91 10.75 41.05
CA SER B 123 -0.51 11.08 41.30
C SER B 123 0.17 10.16 42.30
N SER B 124 -0.56 9.28 42.96
CA SER B 124 -0.04 8.59 44.14
C SER B 124 0.43 7.18 43.85
N LEU B 125 0.41 6.75 42.59
CA LEU B 125 0.75 5.37 42.28
C LEU B 125 2.26 5.18 42.32
N HIS B 126 2.66 3.96 42.73
CA HIS B 126 4.07 3.66 42.97
C HIS B 126 4.94 3.94 41.75
N VAL B 127 4.40 3.75 40.54
CA VAL B 127 5.16 4.02 39.32
C VAL B 127 5.37 5.51 39.07
N TYR B 128 4.76 6.37 39.87
CA TYR B 128 4.95 7.82 39.77
C TYR B 128 5.74 8.38 40.95
N ASP B 129 6.33 7.52 41.78
CA ASP B 129 7.11 7.94 42.94
C ASP B 129 8.28 8.82 42.52
N GLY B 130 8.16 10.12 42.73
CA GLY B 130 9.20 11.05 42.34
C GLY B 130 10.42 11.07 43.22
N LYS B 131 10.47 10.26 44.28
CA LYS B 131 11.57 10.36 45.24
C LYS B 131 12.89 9.96 44.61
N PHE B 132 12.88 8.99 43.69
CA PHE B 132 14.13 8.56 43.07
C PHE B 132 14.70 9.66 42.19
N LEU B 133 13.86 10.33 41.39
CA LEU B 133 14.33 11.39 40.52
C LEU B 133 15.00 12.50 41.32
N ALA B 134 14.42 12.87 42.46
CA ALA B 134 15.01 13.92 43.28
C ALA B 134 16.30 13.48 43.95
N ARG B 135 16.51 12.18 44.14
CA ARG B 135 17.70 11.71 44.83
C ARG B 135 18.92 11.73 43.92
N VAL B 136 18.84 11.08 42.76
CA VAL B 136 20.03 10.86 41.95
C VAL B 136 20.31 12.02 41.00
N GLU B 137 19.28 12.66 40.45
CA GLU B 137 19.50 13.78 39.54
C GLU B 137 19.32 15.13 40.22
N ARG B 138 18.89 15.15 41.49
CA ARG B 138 18.83 16.37 42.30
C ARG B 138 17.92 17.42 41.64
N VAL B 139 16.71 16.99 41.30
CA VAL B 139 15.68 17.84 40.72
C VAL B 139 14.45 17.76 41.62
N ILE B 140 13.70 18.84 41.68
CA ILE B 140 12.42 18.81 42.37
C ILE B 140 11.37 18.21 41.44
N VAL B 141 10.54 17.31 41.97
CA VAL B 141 9.52 16.62 41.20
C VAL B 141 8.16 16.92 41.81
N VAL B 142 7.22 17.34 40.97
CA VAL B 142 5.87 17.70 41.39
C VAL B 142 4.87 16.89 40.58
N SER B 143 3.82 16.43 41.26
CA SER B 143 2.72 15.75 40.58
C SER B 143 1.40 16.24 41.14
N MET B 144 0.43 16.44 40.26
CA MET B 144 -0.89 16.96 40.60
C MET B 144 -1.94 15.87 40.50
N ASN B 145 -3.09 16.13 41.10
CA ASN B 145 -4.31 15.35 40.90
C ASN B 145 -5.34 16.24 40.23
N TYR B 146 -5.75 15.88 39.03
CA TYR B 146 -6.75 16.64 38.29
C TYR B 146 -7.99 15.79 38.09
N ARG B 147 -9.15 16.45 38.09
CA ARG B 147 -10.41 15.75 37.93
C ARG B 147 -10.46 15.04 36.58
N VAL B 148 -10.99 13.82 36.58
CA VAL B 148 -11.12 13.01 35.39
C VAL B 148 -12.58 12.63 35.21
N GLY B 149 -12.88 12.06 34.04
CA GLY B 149 -14.25 11.69 33.74
C GLY B 149 -15.12 12.92 33.49
N ALA B 150 -16.43 12.71 33.60
CA ALA B 150 -17.37 13.81 33.44
C ALA B 150 -17.14 14.90 34.49
N LEU B 151 -16.73 14.51 35.70
CA LEU B 151 -16.41 15.49 36.73
C LEU B 151 -15.29 16.44 36.33
N GLY B 152 -14.56 16.14 35.26
CA GLY B 152 -13.46 16.98 34.84
C GLY B 152 -13.57 17.52 33.43
N PHE B 153 -14.41 16.93 32.58
CA PHE B 153 -14.44 17.32 31.19
C PHE B 153 -15.84 17.38 30.58
N LEU B 154 -16.90 17.26 31.39
CA LEU B 154 -18.25 17.45 30.86
C LEU B 154 -18.39 18.88 30.34
N ALA B 155 -18.93 19.01 29.13
CA ALA B 155 -18.93 20.28 28.42
C ALA B 155 -20.35 20.68 28.03
N LEU B 156 -20.85 21.74 28.65
CA LEU B 156 -21.96 22.50 28.08
C LEU B 156 -21.35 23.77 27.51
N PRO B 157 -21.05 23.77 26.22
CA PRO B 157 -20.16 24.78 25.65
C PRO B 157 -20.77 26.17 25.69
N GLY B 158 -19.95 27.15 26.11
CA GLY B 158 -20.41 28.50 26.32
C GLY B 158 -20.94 28.77 27.70
N ASN B 159 -21.20 27.73 28.49
CA ASN B 159 -21.81 27.88 29.80
C ASN B 159 -20.73 27.81 30.87
N PRO B 160 -20.47 28.90 31.60
CA PRO B 160 -19.44 28.86 32.65
C PRO B 160 -19.74 27.88 33.77
N GLU B 161 -20.96 27.37 33.89
CA GLU B 161 -21.28 26.42 34.95
C GLU B 161 -20.81 25.00 34.62
N ALA B 162 -20.49 24.72 33.36
CA ALA B 162 -19.93 23.45 32.93
C ALA B 162 -19.19 23.65 31.62
N PRO B 163 -18.08 24.39 31.62
CA PRO B 163 -17.48 24.85 30.36
C PRO B 163 -16.64 23.81 29.63
N GLY B 164 -16.31 22.70 30.27
CA GLY B 164 -15.41 21.73 29.68
C GLY B 164 -13.95 22.03 29.95
N ASN B 165 -13.14 20.98 29.88
CA ASN B 165 -11.70 21.06 30.16
C ASN B 165 -11.43 21.57 31.58
N MET B 166 -12.31 21.21 32.52
CA MET B 166 -12.08 21.59 33.91
C MET B 166 -10.84 20.92 34.47
N GLY B 167 -10.61 19.65 34.12
CA GLY B 167 -9.40 18.98 34.54
C GLY B 167 -8.15 19.60 33.95
N LEU B 168 -8.25 20.15 32.74
CA LEU B 168 -7.12 20.87 32.17
C LEU B 168 -6.82 22.14 32.95
N PHE B 169 -7.86 22.85 33.38
CA PHE B 169 -7.64 24.01 34.24
C PHE B 169 -7.13 23.59 35.60
N ASP B 170 -7.50 22.39 36.07
CA ASP B 170 -6.90 21.85 37.29
C ASP B 170 -5.39 21.76 37.17
N GLN B 171 -4.91 21.24 36.04
CA GLN B 171 -3.47 21.18 35.81
C GLN B 171 -2.87 22.58 35.75
N GLN B 172 -3.53 23.51 35.06
CA GLN B 172 -2.99 24.85 34.92
C GLN B 172 -2.92 25.57 36.27
N LEU B 173 -3.88 25.32 37.16
CA LEU B 173 -3.81 25.93 38.48
C LEU B 173 -2.70 25.31 39.32
N ALA B 174 -2.44 24.01 39.14
CA ALA B 174 -1.25 23.42 39.76
C ALA B 174 0.02 24.05 39.21
N LEU B 175 0.06 24.26 37.89
CA LEU B 175 1.21 24.95 37.29
C LEU B 175 1.31 26.37 37.80
N GLN B 176 0.18 27.04 38.02
CA GLN B 176 0.25 28.37 38.61
C GLN B 176 0.81 28.30 40.02
N TRP B 177 0.47 27.24 40.77
CA TRP B 177 0.93 27.12 42.16
C TRP B 177 2.45 26.98 42.24
N VAL B 178 3.03 26.10 41.42
CA VAL B 178 4.47 25.88 41.47
C VAL B 178 5.23 27.18 41.17
N GLN B 179 4.66 28.05 40.35
CA GLN B 179 5.38 29.27 40.01
C GLN B 179 5.33 30.31 41.13
N LYS B 180 4.30 30.27 41.97
CA LYS B 180 4.23 31.18 43.11
C LYS B 180 4.79 30.58 44.40
N ASN B 181 5.27 29.33 44.36
CA ASN B 181 5.69 28.67 45.61
C ASN B 181 6.97 27.85 45.50
N ILE B 182 7.40 27.41 44.32
CA ILE B 182 8.53 26.48 44.25
C ILE B 182 9.85 27.14 44.65
N ALA B 183 9.94 28.47 44.59
CA ALA B 183 11.15 29.13 45.05
C ALA B 183 11.35 28.94 46.56
N ALA B 184 10.24 28.93 47.31
CA ALA B 184 10.30 28.63 48.74
C ALA B 184 10.74 27.20 48.99
N PHE B 185 10.79 26.36 47.96
CA PHE B 185 11.22 24.97 48.08
C PHE B 185 12.63 24.74 47.55
N GLY B 186 13.27 25.78 47.01
CA GLY B 186 14.56 25.64 46.38
C GLY B 186 14.51 25.43 44.88
N GLY B 187 13.37 25.68 44.24
CA GLY B 187 13.22 25.42 42.83
C GLY B 187 13.27 26.67 41.97
N ASN B 188 13.56 26.46 40.69
CA ASN B 188 13.61 27.55 39.73
C ASN B 188 12.27 27.65 39.01
N PRO B 189 11.45 28.67 39.31
CA PRO B 189 10.16 28.80 38.61
C PRO B 189 10.31 29.04 37.11
N LYS B 190 11.47 29.47 36.63
CA LYS B 190 11.61 29.76 35.21
C LYS B 190 12.34 28.66 34.45
N SER B 191 12.68 27.56 35.11
CA SER B 191 13.24 26.36 34.47
C SER B 191 12.34 25.20 34.88
N VAL B 192 11.20 25.09 34.21
CA VAL B 192 10.17 24.13 34.57
C VAL B 192 9.83 23.28 33.35
N THR B 193 9.82 21.97 33.54
CA THR B 193 9.58 21.02 32.46
C THR B 193 8.34 20.20 32.78
N LEU B 194 7.40 20.17 31.84
CA LEU B 194 6.24 19.31 31.97
C LEU B 194 6.50 18.00 31.24
N PHE B 195 6.21 16.89 31.91
CA PHE B 195 6.24 15.61 31.24
C PHE B 195 5.07 14.78 31.72
N GLY B 196 4.41 14.12 30.77
CA GLY B 196 3.27 13.28 31.07
C GLY B 196 3.26 12.11 30.12
N GLU B 197 2.27 11.25 30.30
CA GLU B 197 2.14 10.06 29.49
C GLU B 197 0.67 9.87 29.13
N SER B 198 0.44 9.32 27.93
CA SER B 198 -0.90 9.04 27.45
C SER B 198 -1.76 10.30 27.48
N ALA B 199 -2.84 10.30 28.26
CA ALA B 199 -3.65 11.50 28.41
C ALA B 199 -2.83 12.64 29.03
N GLY B 200 -1.83 12.31 29.83
CA GLY B 200 -0.98 13.34 30.39
C GLY B 200 -0.11 14.00 29.33
N ALA B 201 0.51 13.19 28.46
CA ALA B 201 1.26 13.74 27.35
C ALA B 201 0.34 14.52 26.41
N ALA B 202 -0.85 13.99 26.15
CA ALA B 202 -1.86 14.78 25.45
C ALA B 202 -2.06 16.11 26.17
N SER B 203 -2.33 16.06 27.48
CA SER B 203 -2.50 17.27 28.26
C SER B 203 -1.28 18.16 28.16
N VAL B 204 -0.08 17.57 28.14
CA VAL B 204 1.09 18.42 28.04
C VAL B 204 1.08 19.15 26.70
N SER B 205 0.73 18.44 25.63
CA SER B 205 0.73 19.05 24.30
C SER B 205 -0.27 20.20 24.21
N LEU B 206 -1.39 20.09 24.91
CA LEU B 206 -2.38 21.16 24.90
C LEU B 206 -1.96 22.35 25.76
N HIS B 207 -1.04 22.15 26.70
CA HIS B 207 -0.47 23.28 27.43
C HIS B 207 0.47 24.10 26.55
N LEU B 208 1.05 23.49 25.50
CA LEU B 208 1.81 24.25 24.53
C LEU B 208 0.95 25.19 23.72
N LEU B 209 -0.35 24.91 23.62
CA LEU B 209 -1.27 25.75 22.85
C LEU B 209 -1.95 26.82 23.69
N SER B 210 -2.25 26.52 24.95
CA SER B 210 -3.05 27.44 25.77
C SER B 210 -2.25 28.69 26.11
N PRO B 211 -2.78 29.88 25.85
CA PRO B 211 -2.05 31.10 26.24
C PRO B 211 -1.96 31.27 27.74
N GLY B 212 -2.96 30.82 28.49
CA GLY B 212 -2.92 30.91 29.94
C GLY B 212 -1.80 30.13 30.57
N SER B 213 -1.26 29.13 29.87
CA SER B 213 -0.16 28.31 30.36
C SER B 213 1.18 28.66 29.73
N HIS B 214 1.21 29.62 28.81
CA HIS B 214 2.47 30.04 28.18
C HIS B 214 3.45 30.56 29.22
N SER B 215 2.94 31.05 30.35
CA SER B 215 3.75 31.75 31.35
C SER B 215 4.28 30.84 32.44
N LEU B 216 3.97 29.54 32.41
CA LEU B 216 4.08 28.71 33.60
C LEU B 216 4.98 27.49 33.44
N PHE B 217 5.67 27.33 32.32
CA PHE B 217 6.65 26.26 32.20
C PHE B 217 7.64 26.62 31.10
N THR B 218 8.70 25.82 31.00
CA THR B 218 9.72 26.02 29.98
C THR B 218 9.59 24.96 28.88
N ARG B 219 9.96 23.72 29.16
CA ARG B 219 9.97 22.66 28.15
C ARG B 219 8.90 21.62 28.43
N ALA B 220 8.76 20.68 27.50
CA ALA B 220 7.73 19.65 27.57
C ALA B 220 8.27 18.32 27.07
N ILE B 221 7.92 17.24 27.76
CA ILE B 221 8.24 15.87 27.35
C ILE B 221 6.95 15.10 27.21
N LEU B 222 6.73 14.45 26.06
CA LEU B 222 5.41 13.88 25.71
C LEU B 222 5.59 12.40 25.41
N GLN B 223 5.22 11.57 26.38
CA GLN B 223 5.37 10.13 26.31
C GLN B 223 4.08 9.53 25.75
N SER B 224 4.18 8.89 24.59
CA SER B 224 3.07 8.13 23.98
C SER B 224 1.75 8.90 24.06
N GLY B 225 1.76 10.12 23.54
CA GLY B 225 0.55 10.93 23.55
C GLY B 225 0.70 12.31 22.95
N SER B 226 -0.34 12.76 22.25
CA SER B 226 -0.39 14.09 21.66
C SER B 226 -1.85 14.42 21.36
N PHE B 227 -2.14 15.72 21.27
CA PHE B 227 -3.53 16.14 21.12
C PHE B 227 -4.11 15.77 19.76
N ASN B 228 -3.27 15.64 18.74
CA ASN B 228 -3.76 15.26 17.43
C ASN B 228 -4.05 13.77 17.33
N ALA B 229 -3.80 13.00 18.39
CA ALA B 229 -4.25 11.62 18.43
C ALA B 229 -5.76 11.58 18.29
N PRO B 230 -6.30 10.55 17.64
CA PRO B 230 -7.75 10.54 17.38
C PRO B 230 -8.62 10.58 18.63
N TRP B 231 -8.10 10.13 19.76
CA TRP B 231 -8.86 10.02 21.00
C TRP B 231 -8.73 11.24 21.90
N ALA B 232 -7.90 12.23 21.53
CA ALA B 232 -7.51 13.24 22.50
C ALA B 232 -8.56 14.34 22.65
N VAL B 233 -9.02 14.91 21.54
CA VAL B 233 -9.96 16.03 21.58
C VAL B 233 -11.26 15.58 20.92
N THR B 234 -12.38 15.84 21.59
CA THR B 234 -13.70 15.53 21.04
C THR B 234 -14.38 16.81 20.58
N SER B 235 -15.04 16.74 19.43
CA SER B 235 -15.63 17.91 18.81
C SER B 235 -16.78 18.45 19.67
N LEU B 236 -17.21 19.67 19.35
CA LEU B 236 -18.25 20.33 20.13
C LEU B 236 -19.58 19.59 20.03
N TYR B 237 -19.97 19.20 18.81
CA TYR B 237 -21.19 18.44 18.64
C TYR B 237 -21.13 17.13 19.42
N GLU B 238 -19.99 16.42 19.32
CA GLU B 238 -19.81 15.19 20.09
C GLU B 238 -19.94 15.46 21.58
N ALA B 239 -19.28 16.52 22.06
CA ALA B 239 -19.26 16.80 23.49
C ALA B 239 -20.66 17.13 24.02
N ARG B 240 -21.45 17.84 23.23
CA ARG B 240 -22.79 18.22 23.67
C ARG B 240 -23.74 17.02 23.66
N ASN B 241 -23.73 16.24 22.58
CA ASN B 241 -24.48 14.99 22.55
C ASN B 241 -24.12 14.12 23.74
N ARG B 242 -22.82 14.04 24.05
CA ARG B 242 -22.37 13.24 25.16
C ARG B 242 -22.90 13.77 26.48
N THR B 243 -22.93 15.09 26.65
CA THR B 243 -23.45 15.67 27.88
C THR B 243 -24.94 15.42 28.02
N LEU B 244 -25.70 15.64 26.94
CA LEU B 244 -27.14 15.41 26.99
C LEU B 244 -27.47 13.95 27.20
N ASN B 245 -26.61 13.04 26.74
CA ASN B 245 -26.86 11.62 26.97
C ASN B 245 -26.70 11.26 28.44
N LEU B 246 -25.68 11.82 29.10
CA LEU B 246 -25.52 11.59 30.54
C LEU B 246 -26.68 12.16 31.33
N ALA B 247 -27.24 13.29 30.87
CA ALA B 247 -28.43 13.83 31.53
C ALA B 247 -29.60 12.88 31.42
N LYS B 248 -29.83 12.31 30.24
CA LYS B 248 -30.93 11.37 30.06
C LYS B 248 -30.72 10.12 30.92
N LEU B 249 -29.47 9.66 31.04
CA LEU B 249 -29.22 8.41 31.77
C LEU B 249 -29.38 8.59 33.27
N THR B 250 -29.04 9.76 33.80
CA THR B 250 -29.12 10.02 35.23
C THR B 250 -30.44 10.68 35.63
N GLY B 251 -31.40 10.77 34.71
CA GLY B 251 -32.67 11.40 35.02
C GLY B 251 -32.60 12.90 35.14
N CYS B 252 -31.77 13.55 34.32
CA CYS B 252 -31.60 14.99 34.38
C CYS B 252 -31.88 15.68 33.04
N SER B 253 -32.53 14.99 32.10
CA SER B 253 -32.96 15.61 30.85
C SER B 253 -34.01 16.69 31.16
N ARG B 254 -33.66 17.96 30.96
CA ARG B 254 -34.51 19.04 31.46
C ARG B 254 -34.62 20.15 30.42
N GLU B 255 -35.12 21.29 30.89
CA GLU B 255 -35.66 22.35 30.04
C GLU B 255 -34.57 23.23 29.45
N ASN B 256 -33.75 23.84 30.30
CA ASN B 256 -32.55 24.56 29.86
C ASN B 256 -31.32 23.95 30.51
N GLU B 257 -30.16 24.46 30.11
CA GLU B 257 -28.90 23.87 30.54
C GLU B 257 -28.64 24.08 32.03
N THR B 258 -28.98 25.26 32.54
CA THR B 258 -28.72 25.53 33.96
C THR B 258 -29.60 24.68 34.88
N GLU B 259 -30.72 24.17 34.37
CA GLU B 259 -31.49 23.19 35.13
C GLU B 259 -30.91 21.79 34.97
N ILE B 260 -30.35 21.48 33.80
CA ILE B 260 -29.65 20.22 33.61
C ILE B 260 -28.49 20.10 34.60
N ILE B 261 -27.79 21.20 34.84
CA ILE B 261 -26.59 21.15 35.67
C ILE B 261 -26.95 21.02 37.14
N LYS B 262 -27.94 21.78 37.62
CA LYS B 262 -28.33 21.67 39.02
C LYS B 262 -28.78 20.26 39.36
N CYS B 263 -29.46 19.59 38.43
CA CYS B 263 -29.84 18.20 38.65
C CYS B 263 -28.61 17.31 38.76
N LEU B 264 -27.62 17.53 37.88
CA LEU B 264 -26.40 16.73 37.91
C LEU B 264 -25.58 17.00 39.17
N ARG B 265 -25.62 18.23 39.68
CA ARG B 265 -24.89 18.56 40.90
C ARG B 265 -25.42 17.79 42.10
N ASN B 266 -26.66 17.31 42.05
CA ASN B 266 -27.27 16.60 43.16
C ASN B 266 -27.16 15.09 43.03
N LYS B 267 -26.70 14.57 41.90
CA LYS B 267 -26.53 13.13 41.75
C LYS B 267 -25.38 12.64 42.61
N ASP B 268 -25.56 11.46 43.18
CA ASP B 268 -24.45 10.82 43.88
C ASP B 268 -23.30 10.62 42.90
N PRO B 269 -22.05 10.82 43.33
CA PRO B 269 -20.92 10.70 42.39
C PRO B 269 -20.92 9.41 41.58
N GLN B 270 -21.28 8.28 42.19
CA GLN B 270 -21.27 7.01 41.47
C GLN B 270 -22.40 6.91 40.45
N GLU B 271 -23.47 7.68 40.62
CA GLU B 271 -24.51 7.71 39.60
C GLU B 271 -24.05 8.42 38.34
N ILE B 272 -22.99 9.22 38.44
CA ILE B 272 -22.38 9.84 37.26
C ILE B 272 -21.32 8.94 36.65
N LEU B 273 -20.43 8.36 37.46
CA LEU B 273 -19.34 7.57 36.89
C LEU B 273 -19.86 6.27 36.26
N LEU B 274 -20.90 5.67 36.84
CA LEU B 274 -21.41 4.41 36.31
C LEU B 274 -22.30 4.58 35.09
N ASN B 275 -22.58 5.81 34.66
CA ASN B 275 -23.29 6.05 33.42
C ASN B 275 -22.41 6.62 32.32
N GLU B 276 -21.16 6.98 32.64
CA GLU B 276 -20.25 7.52 31.62
C GLU B 276 -20.04 6.55 30.48
N ALA B 277 -20.20 5.25 30.73
CA ALA B 277 -19.90 4.24 29.72
C ALA B 277 -20.93 4.24 28.59
N PHE B 278 -22.16 4.68 28.86
CA PHE B 278 -23.26 4.61 27.91
C PHE B 278 -23.46 5.91 27.16
N VAL B 279 -22.56 6.87 27.33
CA VAL B 279 -22.81 8.22 26.86
C VAL B 279 -22.60 8.32 25.34
N VAL B 280 -21.72 7.51 24.77
CA VAL B 280 -21.47 7.48 23.34
C VAL B 280 -21.82 6.09 22.82
N PRO B 281 -22.60 5.97 21.73
CA PRO B 281 -23.11 4.65 21.33
C PRO B 281 -22.08 3.74 20.72
N TYR B 282 -21.09 4.28 20.00
CA TYR B 282 -20.13 3.45 19.29
C TYR B 282 -18.77 3.47 19.97
N GLY B 283 -18.74 3.18 21.28
CA GLY B 283 -17.50 3.20 22.01
C GLY B 283 -16.56 2.07 21.59
N THR B 284 -15.27 2.39 21.59
CA THR B 284 -14.19 1.44 21.41
C THR B 284 -13.41 1.31 22.71
N PRO B 285 -12.50 0.34 22.81
CA PRO B 285 -11.63 0.30 23.99
C PRO B 285 -10.92 1.62 24.26
N LEU B 286 -10.41 2.28 23.22
CA LEU B 286 -9.72 3.55 23.38
C LEU B 286 -10.68 4.75 23.50
N SER B 287 -11.97 4.52 23.68
CA SER B 287 -12.94 5.61 23.67
C SER B 287 -12.78 6.49 24.91
N VAL B 288 -12.67 7.79 24.69
CA VAL B 288 -12.62 8.78 25.74
C VAL B 288 -14.01 9.43 25.81
N ASN B 289 -14.81 9.03 26.80
CA ASN B 289 -16.19 9.49 26.87
C ASN B 289 -16.27 10.99 27.10
N PHE B 290 -15.50 11.50 28.05
CA PHE B 290 -15.44 12.93 28.31
C PHE B 290 -13.98 13.34 28.40
N GLY B 291 -13.54 14.18 27.49
CA GLY B 291 -12.16 14.63 27.45
C GLY B 291 -12.03 16.08 27.04
N PRO B 292 -10.84 16.48 26.61
CA PRO B 292 -10.63 17.85 26.17
C PRO B 292 -11.54 18.24 25.02
N THR B 293 -12.00 19.49 25.03
CA THR B 293 -12.79 20.08 23.97
C THR B 293 -12.24 21.47 23.66
N VAL B 294 -12.72 22.05 22.56
CA VAL B 294 -12.46 23.45 22.25
C VAL B 294 -13.50 24.25 23.00
N ASP B 295 -13.10 24.85 24.11
CA ASP B 295 -14.02 25.60 24.96
C ASP B 295 -13.99 27.10 24.72
N GLY B 296 -13.05 27.58 23.91
CA GLY B 296 -12.88 29.01 23.76
C GLY B 296 -12.28 29.69 24.97
N ASP B 297 -11.67 28.92 25.87
CA ASP B 297 -11.03 29.47 27.07
C ASP B 297 -9.64 28.88 27.22
N PHE B 298 -9.55 27.59 27.56
CA PHE B 298 -8.25 26.93 27.62
C PHE B 298 -7.69 26.72 26.21
N LEU B 299 -8.53 26.27 25.28
CA LEU B 299 -8.14 26.11 23.88
C LEU B 299 -8.99 27.08 23.06
N THR B 300 -8.34 28.11 22.52
CA THR B 300 -9.05 29.20 21.88
C THR B 300 -9.68 28.80 20.56
N ASP B 301 -9.27 27.66 19.97
CA ASP B 301 -10.02 27.00 18.91
C ASP B 301 -9.45 25.61 18.59
N MET B 302 -9.73 25.09 17.40
CA MET B 302 -9.44 23.69 17.09
C MET B 302 -7.93 23.46 17.00
N PRO B 303 -7.40 22.45 17.70
CA PRO B 303 -5.94 22.37 17.89
C PRO B 303 -5.12 22.21 16.61
N ASP B 304 -5.58 21.39 15.65
CA ASP B 304 -4.85 21.24 14.40
C ASP B 304 -4.60 22.58 13.75
N ILE B 305 -5.64 23.40 13.69
CA ILE B 305 -5.55 24.79 13.26
C ILE B 305 -4.37 25.39 14.04
N LEU B 306 -4.58 25.78 15.30
CA LEU B 306 -3.55 26.51 16.06
C LEU B 306 -2.13 25.99 15.80
N LEU B 307 -1.97 24.67 15.64
CA LEU B 307 -0.65 24.13 15.38
C LEU B 307 -0.13 24.58 14.03
N GLU B 308 -0.95 24.46 12.97
CA GLU B 308 -0.49 24.82 11.64
C GLU B 308 -0.24 26.32 11.53
N LEU B 309 -1.04 27.11 12.23
CA LEU B 309 -0.95 28.57 12.17
C LEU B 309 0.25 29.10 12.95
N GLY B 310 0.79 28.30 13.87
CA GLY B 310 2.00 28.66 14.58
C GLY B 310 1.79 29.33 15.92
N GLN B 311 0.60 29.24 16.51
CA GLN B 311 0.30 29.90 17.77
C GLN B 311 0.49 28.91 18.91
N PHE B 312 1.74 28.72 19.32
CA PHE B 312 2.03 27.88 20.47
C PHE B 312 3.37 28.31 21.05
N LYS B 313 3.64 27.82 22.26
CA LYS B 313 4.91 28.12 22.93
C LYS B 313 6.07 27.54 22.12
N LYS B 314 7.05 28.39 21.82
CA LYS B 314 8.21 27.98 21.04
C LYS B 314 9.29 27.52 22.01
N THR B 315 9.61 26.23 21.98
CA THR B 315 10.52 25.62 22.95
C THR B 315 10.86 24.23 22.44
N GLN B 316 11.95 23.66 22.97
CA GLN B 316 12.33 22.28 22.68
C GLN B 316 11.45 21.29 23.44
N ILE B 317 11.09 20.21 22.77
CA ILE B 317 10.26 19.16 23.35
C ILE B 317 11.02 17.83 23.28
N LEU B 318 10.45 16.81 23.93
CA LEU B 318 10.94 15.44 23.84
C LEU B 318 9.74 14.53 23.67
N VAL B 319 9.62 13.90 22.51
CA VAL B 319 8.48 13.07 22.15
C VAL B 319 8.96 11.64 21.98
N GLY B 320 8.06 10.68 22.16
CA GLY B 320 8.41 9.30 21.92
C GLY B 320 7.23 8.38 22.09
N VAL B 321 7.47 7.11 21.74
CA VAL B 321 6.46 6.06 21.78
C VAL B 321 7.14 4.78 22.26
N ASN B 322 6.33 3.74 22.46
CA ASN B 322 6.81 2.40 22.74
C ASN B 322 6.48 1.49 21.56
N LYS B 323 7.22 0.39 21.46
CA LYS B 323 7.19 -0.40 20.23
C LYS B 323 5.81 -1.02 19.98
N ASP B 324 5.12 -1.45 21.02
CA ASP B 324 3.83 -2.13 20.89
C ASP B 324 2.79 -1.39 21.74
N GLU B 325 2.41 -0.20 21.29
CA GLU B 325 1.46 0.62 22.04
C GLU B 325 0.07 0.00 22.04
N GLY B 326 -0.34 -0.59 20.92
CA GLY B 326 -1.73 -1.02 20.76
C GLY B 326 -2.09 -2.34 21.42
N THR B 327 -1.11 -3.07 21.96
CA THR B 327 -1.42 -4.40 22.49
C THR B 327 -2.22 -4.34 23.78
N ALA B 328 -2.08 -3.26 24.55
CA ALA B 328 -2.76 -3.17 25.84
C ALA B 328 -4.28 -3.07 25.69
N PHE B 329 -4.79 -2.77 24.51
CA PHE B 329 -6.22 -2.56 24.31
C PHE B 329 -6.93 -3.75 23.68
N LEU B 330 -6.20 -4.66 23.03
CA LEU B 330 -6.82 -5.82 22.42
C LEU B 330 -7.43 -6.77 23.46
N VAL B 331 -6.91 -6.71 24.70
CA VAL B 331 -7.43 -7.51 25.80
C VAL B 331 -8.84 -7.10 26.21
N TYR B 332 -9.28 -5.90 25.86
CA TYR B 332 -10.55 -5.34 26.35
C TYR B 332 -11.61 -5.29 25.25
N GLY B 333 -11.82 -6.40 24.55
CA GLY B 333 -12.95 -6.47 23.64
C GLY B 333 -12.70 -7.02 22.25
N ALA B 334 -11.44 -7.16 21.86
CA ALA B 334 -11.13 -7.70 20.54
C ALA B 334 -11.29 -9.21 20.55
N PRO B 335 -12.13 -9.77 19.67
CA PRO B 335 -12.41 -11.21 19.76
C PRO B 335 -11.19 -12.06 19.43
N GLY B 336 -11.03 -13.15 20.18
CA GLY B 336 -9.90 -14.04 20.02
C GLY B 336 -8.70 -13.70 20.88
N PHE B 337 -8.71 -12.57 21.58
CA PHE B 337 -7.60 -12.14 22.41
C PHE B 337 -7.86 -12.46 23.88
N SER B 338 -6.78 -12.58 24.64
CA SER B 338 -6.88 -12.85 26.08
C SER B 338 -5.52 -12.67 26.73
N LYS B 339 -5.55 -12.19 27.98
CA LYS B 339 -4.35 -12.10 28.80
C LYS B 339 -3.67 -13.44 29.00
N ASP B 340 -4.43 -14.54 28.89
CA ASP B 340 -3.93 -15.86 29.20
C ASP B 340 -3.68 -16.73 27.97
N ASN B 341 -4.16 -16.33 26.80
CA ASN B 341 -3.90 -17.08 25.59
C ASN B 341 -2.54 -16.74 25.02
N ASN B 342 -2.20 -17.37 23.90
CA ASN B 342 -1.23 -16.76 23.02
C ASN B 342 -1.88 -15.81 21.99
N SER B 343 -3.20 -15.89 21.86
CA SER B 343 -4.00 -14.86 21.18
C SER B 343 -3.77 -14.84 19.67
N ILE B 344 -3.62 -16.00 19.05
CA ILE B 344 -3.59 -16.08 17.60
C ILE B 344 -5.00 -16.02 17.08
N ILE B 345 -5.19 -15.26 16.00
CA ILE B 345 -6.51 -15.00 15.47
C ILE B 345 -6.53 -15.36 13.99
N THR B 346 -7.74 -15.56 13.47
CA THR B 346 -7.94 -15.77 12.05
C THR B 346 -7.92 -14.44 11.32
N ARG B 347 -7.96 -14.52 9.99
CA ARG B 347 -8.16 -13.31 9.20
C ARG B 347 -9.54 -12.71 9.48
N LYS B 348 -10.54 -13.57 9.71
CA LYS B 348 -11.88 -13.08 10.00
C LYS B 348 -11.97 -12.52 11.42
N GLU B 349 -11.29 -13.16 12.38
CA GLU B 349 -11.20 -12.59 13.72
C GLU B 349 -10.51 -11.22 13.67
N PHE B 350 -9.53 -11.06 12.78
CA PHE B 350 -8.90 -9.76 12.57
C PHE B 350 -9.92 -8.76 12.04
N GLN B 351 -10.69 -9.15 11.02
CA GLN B 351 -11.72 -8.27 10.49
C GLN B 351 -12.77 -7.94 11.54
N GLU B 352 -13.05 -8.88 12.46
CA GLU B 352 -13.93 -8.57 13.57
C GLU B 352 -13.29 -7.52 14.50
N GLY B 353 -11.99 -7.64 14.75
CA GLY B 353 -11.32 -6.67 15.58
C GLY B 353 -11.32 -5.28 14.98
N LEU B 354 -11.23 -5.20 13.65
CA LEU B 354 -11.32 -3.90 12.97
C LEU B 354 -12.67 -3.24 13.21
N LYS B 355 -13.74 -4.03 13.12
CA LYS B 355 -15.09 -3.50 13.35
C LYS B 355 -15.21 -2.85 14.72
N ILE B 356 -14.49 -3.38 15.72
CA ILE B 356 -14.63 -2.89 17.08
C ILE B 356 -13.85 -1.59 17.29
N PHE B 357 -12.62 -1.52 16.78
CA PHE B 357 -11.81 -0.32 16.95
C PHE B 357 -12.17 0.77 15.94
N PHE B 358 -12.85 0.43 14.85
CA PHE B 358 -13.27 1.39 13.84
C PHE B 358 -14.76 1.21 13.56
N PRO B 359 -15.62 1.61 14.49
CA PRO B 359 -17.05 1.34 14.32
C PRO B 359 -17.70 2.15 13.21
N GLY B 360 -17.25 3.37 12.96
CA GLY B 360 -17.90 4.24 12.00
C GLY B 360 -17.35 4.23 10.59
N VAL B 361 -16.41 3.33 10.28
CA VAL B 361 -15.69 3.34 9.02
C VAL B 361 -16.37 2.38 8.04
N SER B 362 -16.38 2.75 6.76
CA SER B 362 -17.04 1.97 5.72
C SER B 362 -16.32 0.64 5.49
N GLU B 363 -16.97 -0.24 4.73
CA GLU B 363 -16.43 -1.57 4.48
C GLU B 363 -15.18 -1.51 3.62
N PHE B 364 -15.20 -0.67 2.57
CA PHE B 364 -13.99 -0.46 1.78
C PHE B 364 -12.87 0.10 2.64
N GLY B 365 -13.21 0.95 3.61
CA GLY B 365 -12.19 1.54 4.47
C GLY B 365 -11.48 0.51 5.32
N LYS B 366 -12.25 -0.39 5.94
CA LYS B 366 -11.65 -1.49 6.69
C LYS B 366 -10.84 -2.39 5.75
N GLU B 367 -11.43 -2.77 4.62
CA GLU B 367 -10.72 -3.52 3.60
C GLU B 367 -9.43 -2.83 3.19
N SER B 368 -9.41 -1.50 3.20
CA SER B 368 -8.20 -0.76 2.89
C SER B 368 -7.17 -0.90 4.00
N ILE B 369 -7.62 -0.93 5.26
CA ILE B 369 -6.68 -1.15 6.36
C ILE B 369 -6.15 -2.57 6.32
N LEU B 370 -7.03 -3.55 6.09
CA LEU B 370 -6.61 -4.95 6.02
C LEU B 370 -5.50 -5.15 5.00
N PHE B 371 -5.67 -4.58 3.81
CA PHE B 371 -4.68 -4.77 2.75
C PHE B 371 -3.34 -4.15 3.12
N HIS B 372 -3.35 -2.96 3.73
CA HIS B 372 -2.12 -2.24 3.99
C HIS B 372 -1.26 -2.92 5.06
N TYR B 373 -1.84 -3.80 5.87
CA TYR B 373 -1.11 -4.48 6.93
C TYR B 373 -1.00 -5.99 6.69
N THR B 374 -1.25 -6.44 5.46
CA THR B 374 -1.17 -7.86 5.13
C THR B 374 -0.05 -8.18 4.15
N ASP B 375 0.92 -7.28 4.01
CA ASP B 375 2.10 -7.56 3.18
C ASP B 375 3.14 -8.26 4.04
N TRP B 376 2.87 -9.54 4.33
CA TRP B 376 3.72 -10.32 5.20
C TRP B 376 5.10 -10.49 4.59
N VAL B 377 6.12 -10.50 5.46
CA VAL B 377 7.45 -10.88 5.01
C VAL B 377 7.58 -12.39 4.99
N ASP B 378 6.95 -13.07 5.94
CA ASP B 378 6.82 -14.53 5.96
C ASP B 378 5.35 -14.84 6.24
N ASP B 379 4.67 -15.41 5.25
CA ASP B 379 3.29 -15.82 5.39
C ASP B 379 3.12 -17.11 6.20
N GLN B 380 4.19 -17.87 6.41
CA GLN B 380 4.09 -19.10 7.17
C GLN B 380 3.71 -18.82 8.62
N ARG B 381 4.09 -17.67 9.15
CA ARG B 381 3.95 -17.37 10.58
C ARG B 381 2.49 -17.24 10.99
N PRO B 382 1.99 -18.06 11.91
CA PRO B 382 0.61 -17.90 12.38
C PRO B 382 0.37 -16.63 13.20
N GLU B 383 1.41 -16.04 13.79
CA GLU B 383 1.23 -14.82 14.60
C GLU B 383 0.94 -13.58 13.76
N ASN B 384 0.75 -13.71 12.45
CA ASN B 384 0.73 -12.55 11.58
C ASN B 384 -0.45 -11.63 11.90
N TYR B 385 -1.65 -12.19 12.04
CA TYR B 385 -2.83 -11.35 12.22
C TYR B 385 -2.89 -10.74 13.61
N ARG B 386 -2.36 -11.43 14.62
CA ARG B 386 -2.37 -10.87 15.97
C ARG B 386 -1.43 -9.68 16.09
N GLU B 387 -0.23 -9.78 15.50
CA GLU B 387 0.71 -8.66 15.52
C GLU B 387 0.18 -7.47 14.74
N ALA B 388 -0.55 -7.71 13.65
CA ALA B 388 -0.94 -6.63 12.75
C ALA B 388 -1.98 -5.71 13.40
N LEU B 389 -3.00 -6.29 14.02
CA LEU B 389 -4.02 -5.45 14.65
C LEU B 389 -3.45 -4.67 15.82
N GLY B 390 -2.54 -5.29 16.58
CA GLY B 390 -1.82 -4.55 17.61
C GLY B 390 -1.07 -3.36 17.03
N ASP B 391 -0.50 -3.53 15.84
CA ASP B 391 0.18 -2.42 15.18
C ASP B 391 -0.81 -1.44 14.57
N VAL B 392 -1.94 -1.94 14.06
CA VAL B 392 -2.99 -1.04 13.56
C VAL B 392 -3.46 -0.11 14.66
N VAL B 393 -3.75 -0.67 15.84
CA VAL B 393 -4.19 0.14 16.96
C VAL B 393 -3.07 1.06 17.43
N GLY B 394 -1.83 0.56 17.44
CA GLY B 394 -0.72 1.37 17.94
C GLY B 394 -0.38 2.54 17.03
N ASP B 395 -0.27 2.27 15.72
CA ASP B 395 0.07 3.33 14.78
C ASP B 395 -0.98 4.43 14.79
N TYR B 396 -2.23 4.05 14.55
CA TYR B 396 -3.29 5.03 14.33
C TYR B 396 -3.53 5.89 15.57
N ASN B 397 -3.44 5.28 16.76
CA ASN B 397 -3.83 5.97 17.99
C ASN B 397 -2.66 6.68 18.67
N PHE B 398 -1.42 6.24 18.45
CA PHE B 398 -0.31 6.80 19.21
C PHE B 398 0.88 7.17 18.33
N ILE B 399 1.44 6.19 17.62
CA ILE B 399 2.73 6.38 16.96
C ILE B 399 2.64 7.43 15.88
N CYS B 400 1.72 7.26 14.94
CA CYS B 400 1.60 8.19 13.81
C CYS B 400 1.20 9.59 14.26
N PRO B 401 0.28 9.74 15.25
CA PRO B 401 0.06 11.10 15.79
C PRO B 401 1.30 11.72 16.40
N ALA B 402 2.09 10.94 17.16
CA ALA B 402 3.26 11.49 17.82
C ALA B 402 4.30 11.96 16.81
N LEU B 403 4.57 11.13 15.79
CA LEU B 403 5.48 11.55 14.73
C LEU B 403 4.92 12.76 13.98
N GLU B 404 3.65 12.68 13.56
CA GLU B 404 3.05 13.79 12.84
C GLU B 404 3.04 15.06 13.68
N PHE B 405 2.86 14.92 14.98
CA PHE B 405 2.95 16.09 15.86
C PHE B 405 4.36 16.64 15.87
N THR B 406 5.37 15.76 15.99
CA THR B 406 6.75 16.21 16.09
C THR B 406 7.21 16.88 14.79
N LYS B 407 6.73 16.39 13.65
CA LYS B 407 7.13 16.97 12.37
C LYS B 407 6.67 18.43 12.26
N LYS B 408 5.39 18.68 12.53
CA LYS B 408 4.86 20.05 12.42
C LYS B 408 5.51 20.97 13.45
N PHE B 409 5.74 20.46 14.66
CA PHE B 409 6.33 21.29 15.71
C PHE B 409 7.78 21.64 15.37
N SER B 410 8.56 20.68 14.90
CA SER B 410 9.96 20.94 14.57
C SER B 410 10.09 21.92 13.40
N GLU B 411 9.09 21.92 12.51
CA GLU B 411 9.07 22.79 11.33
C GLU B 411 9.34 24.24 11.68
N TRP B 412 8.78 24.72 12.80
CA TRP B 412 8.81 26.13 13.15
C TRP B 412 10.08 26.46 13.92
N GLY B 413 11.15 25.71 13.62
CA GLY B 413 12.46 26.04 14.13
C GLY B 413 12.71 25.68 15.58
N ASN B 414 12.13 24.59 16.06
CA ASN B 414 12.30 24.16 17.44
C ASN B 414 13.04 22.84 17.48
N ASN B 415 13.75 22.61 18.59
CA ASN B 415 14.55 21.40 18.75
C ASN B 415 13.63 20.27 19.23
N ALA B 416 13.40 19.30 18.37
CA ALA B 416 12.51 18.18 18.64
C ALA B 416 13.31 16.90 18.71
N PHE B 417 13.11 16.12 19.78
CA PHE B 417 13.86 14.88 20.00
C PHE B 417 12.86 13.75 20.14
N PHE B 418 12.98 12.72 19.31
CA PHE B 418 12.04 11.60 19.31
C PHE B 418 12.76 10.31 19.67
N TYR B 419 12.11 9.50 20.51
CA TYR B 419 12.66 8.23 20.96
C TYR B 419 11.72 7.08 20.61
N TYR B 420 12.27 5.87 20.65
CA TYR B 420 11.53 4.64 20.35
C TYR B 420 11.91 3.62 21.41
N PHE B 421 11.06 3.46 22.42
CA PHE B 421 11.35 2.59 23.55
C PHE B 421 11.02 1.14 23.19
N GLU B 422 12.03 0.26 23.25
CA GLU B 422 11.89 -1.10 22.75
C GLU B 422 12.10 -2.19 23.78
N HIS B 423 12.31 -1.87 25.05
CA HIS B 423 12.67 -2.87 26.04
C HIS B 423 11.46 -3.28 26.87
N ARG B 424 11.21 -4.59 26.93
CA ARG B 424 10.10 -5.14 27.70
C ARG B 424 10.59 -5.46 29.11
N SER B 425 9.92 -4.88 30.11
CA SER B 425 10.31 -5.11 31.50
C SER B 425 10.25 -6.60 31.84
N SER B 426 11.33 -7.11 32.44
CA SER B 426 11.34 -8.50 32.87
C SER B 426 10.31 -8.75 33.96
N LYS B 427 9.79 -7.70 34.59
CA LYS B 427 8.79 -7.81 35.64
C LYS B 427 7.37 -7.66 35.12
N LEU B 428 7.19 -7.21 33.89
CA LEU B 428 5.86 -6.87 33.40
C LEU B 428 4.94 -8.08 33.48
N PRO B 429 3.76 -7.96 34.13
CA PRO B 429 2.94 -9.15 34.40
C PRO B 429 2.09 -9.62 33.24
N TRP B 430 1.97 -8.83 32.17
CA TRP B 430 1.21 -9.25 31.01
C TRP B 430 2.01 -10.27 30.20
N PRO B 431 1.33 -11.08 29.37
CA PRO B 431 2.05 -12.11 28.61
C PRO B 431 3.04 -11.51 27.63
N GLU B 432 3.87 -12.41 27.11
CA GLU B 432 4.96 -12.04 26.20
C GLU B 432 4.45 -11.46 24.88
N TRP B 433 3.34 -11.97 24.36
CA TRP B 433 2.91 -11.57 23.03
C TRP B 433 2.52 -10.10 22.95
N MET B 434 2.19 -9.48 24.08
CA MET B 434 1.87 -8.05 24.09
C MET B 434 3.11 -7.17 23.98
N GLY B 435 4.31 -7.72 24.14
CA GLY B 435 5.53 -6.99 23.85
C GLY B 435 5.77 -5.84 24.80
N VAL B 436 6.30 -4.74 24.26
CA VAL B 436 6.56 -3.53 25.02
C VAL B 436 5.26 -2.74 25.04
N MET B 437 4.59 -2.74 26.18
CA MET B 437 3.22 -2.25 26.25
C MET B 437 3.17 -0.75 26.52
N HIS B 438 2.02 -0.18 26.19
CA HIS B 438 1.68 1.19 26.55
C HIS B 438 1.89 1.42 28.05
N GLY B 439 2.64 2.46 28.38
CA GLY B 439 2.78 2.91 29.75
C GLY B 439 3.88 2.25 30.57
N TYR B 440 4.55 1.23 30.03
CA TYR B 440 5.54 0.49 30.80
C TYR B 440 6.97 0.95 30.50
N GLU B 441 7.12 2.21 30.08
CA GLU B 441 8.37 2.94 30.15
C GLU B 441 8.38 3.92 31.31
N ILE B 442 7.25 4.07 32.01
CA ILE B 442 7.15 5.07 33.06
C ILE B 442 8.05 4.70 34.24
N GLU B 443 7.99 3.44 34.68
CA GLU B 443 8.85 3.02 35.79
C GLU B 443 10.33 3.19 35.45
N PHE B 444 10.69 3.06 34.16
CA PHE B 444 12.05 3.33 33.74
C PHE B 444 12.36 4.82 33.81
N VAL B 445 11.41 5.66 33.41
CA VAL B 445 11.62 7.11 33.46
C VAL B 445 11.71 7.58 34.91
N PHE B 446 10.92 6.99 35.80
CA PHE B 446 10.95 7.38 37.20
C PHE B 446 12.05 6.68 37.99
N GLY B 447 12.84 5.82 37.35
CA GLY B 447 14.00 5.24 38.00
C GLY B 447 13.70 4.16 39.01
N LEU B 448 12.59 3.45 38.86
CA LEU B 448 12.28 2.35 39.76
C LEU B 448 13.31 1.22 39.71
N PRO B 449 13.87 0.83 38.55
CA PRO B 449 14.93 -0.19 38.56
C PRO B 449 16.21 0.24 39.27
N LEU B 450 16.29 1.48 39.77
CA LEU B 450 17.52 1.96 40.39
C LEU B 450 17.71 1.39 41.78
N GLU B 451 16.64 1.03 42.49
CA GLU B 451 16.82 0.36 43.79
C GLU B 451 16.91 -1.14 43.57
N ARG B 452 18.07 -1.69 43.90
CA ARG B 452 18.53 -3.01 43.48
C ARG B 452 17.92 -4.15 44.28
N ARG B 453 16.90 -3.91 45.10
CA ARG B 453 16.20 -4.98 45.77
C ARG B 453 14.80 -5.21 45.21
N ASP B 454 14.54 -4.69 44.01
CA ASP B 454 13.20 -4.69 43.41
C ASP B 454 13.08 -5.75 42.30
N ASN B 455 13.94 -6.77 42.29
CA ASN B 455 13.95 -7.84 41.27
C ASN B 455 14.20 -7.34 39.85
N TYR B 456 14.77 -6.16 39.50
CA TYR B 456 14.97 -5.84 38.07
C TYR B 456 16.31 -6.39 37.60
N THR B 457 16.47 -6.55 36.28
CA THR B 457 17.81 -6.85 35.76
C THR B 457 18.71 -5.64 35.96
N LYS B 458 20.01 -5.90 36.16
CA LYS B 458 20.94 -4.78 36.22
C LYS B 458 21.06 -4.10 34.86
N ALA B 459 20.82 -4.83 33.77
CA ALA B 459 20.65 -4.20 32.48
C ALA B 459 19.54 -3.16 32.53
N GLU B 460 18.45 -3.47 33.24
CA GLU B 460 17.37 -2.51 33.40
C GLU B 460 17.79 -1.35 34.30
N GLU B 461 18.73 -1.58 35.21
CA GLU B 461 19.28 -0.50 36.02
C GLU B 461 20.08 0.46 35.16
N ILE B 462 20.96 -0.08 34.31
CA ILE B 462 21.72 0.75 33.38
C ILE B 462 20.79 1.49 32.44
N LEU B 463 19.81 0.77 31.89
CA LEU B 463 18.86 1.39 30.96
C LEU B 463 18.07 2.49 31.65
N SER B 464 17.57 2.21 32.87
CA SER B 464 16.79 3.21 33.58
C SER B 464 17.64 4.44 33.92
N ARG B 465 18.83 4.22 34.48
CA ARG B 465 19.66 5.34 34.91
C ARG B 465 20.01 6.27 33.76
N SER B 466 20.20 5.72 32.55
CA SER B 466 20.48 6.58 31.42
C SER B 466 19.24 7.37 31.00
N ILE B 467 18.08 6.72 30.91
CA ILE B 467 16.84 7.43 30.63
C ILE B 467 16.62 8.53 31.65
N VAL B 468 16.86 8.23 32.93
CA VAL B 468 16.73 9.21 33.99
C VAL B 468 17.63 10.41 33.73
N LYS B 469 18.85 10.16 33.26
CA LYS B 469 19.83 11.23 33.09
C LYS B 469 19.45 12.16 31.93
N ARG B 470 19.05 11.59 30.79
CA ARG B 470 18.70 12.41 29.64
C ARG B 470 17.40 13.16 29.88
N TRP B 471 16.43 12.52 30.54
CA TRP B 471 15.21 13.22 30.92
C TRP B 471 15.51 14.42 31.80
N ALA B 472 16.40 14.23 32.78
CA ALA B 472 16.74 15.33 33.68
C ALA B 472 17.56 16.39 32.96
N ASN B 473 18.49 15.98 32.10
CA ASN B 473 19.33 16.96 31.41
C ASN B 473 18.56 17.72 30.35
N PHE B 474 17.60 17.07 29.68
CA PHE B 474 16.69 17.81 28.81
C PHE B 474 15.93 18.87 29.61
N ALA B 475 15.53 18.52 30.83
CA ALA B 475 14.84 19.48 31.68
C ALA B 475 15.75 20.65 32.03
N LYS B 476 16.96 20.35 32.50
CA LYS B 476 17.89 21.42 32.89
C LYS B 476 18.36 22.22 31.68
N TYR B 477 18.76 21.53 30.61
CA TYR B 477 19.55 22.15 29.57
C TYR B 477 18.85 22.31 28.23
N GLY B 478 17.83 21.51 27.94
CA GLY B 478 17.22 21.53 26.64
C GLY B 478 17.86 20.64 25.61
N ASN B 479 18.61 19.62 26.06
CA ASN B 479 19.17 18.57 25.22
C ASN B 479 19.50 17.39 26.12
N PRO B 480 18.73 16.32 26.03
CA PRO B 480 19.02 15.12 26.82
C PRO B 480 20.35 14.47 26.48
N ASN B 481 21.43 15.24 26.53
CA ASN B 481 22.74 14.62 26.48
C ASN B 481 22.96 13.83 27.77
N GLU B 482 23.71 12.74 27.66
CA GLU B 482 24.05 11.94 28.83
C GLU B 482 25.56 11.75 28.83
N THR B 483 26.21 12.23 29.88
CA THR B 483 27.68 12.28 29.98
C THR B 483 28.25 10.95 30.45
N GLN B 484 28.02 9.91 29.66
CA GLN B 484 28.59 8.62 30.00
C GLN B 484 29.66 8.21 28.98
N ASN B 485 30.66 9.08 28.79
CA ASN B 485 31.71 8.86 27.81
C ASN B 485 31.11 8.57 26.44
N ASN B 486 31.45 7.41 25.88
CA ASN B 486 30.90 6.99 24.59
C ASN B 486 29.41 6.66 24.77
N SER B 487 28.56 7.57 24.31
CA SER B 487 27.13 7.37 24.30
C SER B 487 26.55 8.16 23.15
N THR B 488 25.41 7.68 22.64
CA THR B 488 24.85 8.26 21.41
C THR B 488 24.52 9.74 21.60
N SER B 489 24.89 10.53 20.60
CA SER B 489 24.44 11.92 20.53
C SER B 489 22.99 11.92 20.06
N TRP B 490 22.07 12.20 20.98
CA TRP B 490 20.67 12.35 20.60
C TRP B 490 20.54 13.57 19.71
N PRO B 491 20.39 13.38 18.41
CA PRO B 491 20.25 14.54 17.53
C PRO B 491 18.84 15.09 17.61
N VAL B 492 18.49 15.93 16.66
CA VAL B 492 17.25 16.70 16.72
C VAL B 492 16.37 16.26 15.57
N PHE B 493 15.10 16.02 15.88
CA PHE B 493 14.12 15.69 14.86
C PHE B 493 13.97 16.84 13.87
N LYS B 494 13.98 16.51 12.58
CA LYS B 494 13.75 17.51 11.54
C LYS B 494 12.95 16.89 10.40
N SER B 495 12.19 17.75 9.70
CA SER B 495 11.11 17.31 8.83
C SER B 495 11.57 16.34 7.75
N THR B 496 12.80 16.49 7.24
CA THR B 496 13.23 15.66 6.13
C THR B 496 13.87 14.36 6.61
N GLU B 497 14.95 14.46 7.39
CA GLU B 497 15.68 13.27 7.81
C GLU B 497 14.92 12.51 8.88
N GLN B 498 14.27 13.22 9.80
CA GLN B 498 13.36 12.62 10.79
C GLN B 498 14.05 11.53 11.61
N LYS B 499 15.12 11.94 12.29
CA LYS B 499 15.97 11.00 13.02
C LYS B 499 15.48 10.82 14.45
N TYR B 500 15.48 9.57 14.93
CA TYR B 500 15.01 9.24 16.27
C TYR B 500 16.01 8.30 16.95
N LEU B 501 15.90 8.20 18.28
CA LEU B 501 16.82 7.42 19.08
C LEU B 501 16.11 6.20 19.67
N THR B 502 16.74 5.04 19.52
CA THR B 502 16.25 3.78 20.04
C THR B 502 16.64 3.63 21.51
N LEU B 503 15.78 2.97 22.29
CA LEU B 503 16.04 2.71 23.71
C LEU B 503 15.83 1.23 24.02
N ASN B 504 16.92 0.54 24.33
CA ASN B 504 16.85 -0.85 24.79
C ASN B 504 18.15 -1.20 25.50
N THR B 505 18.15 -2.34 26.19
CA THR B 505 19.33 -2.74 26.94
C THR B 505 20.47 -3.18 26.03
N GLU B 506 20.15 -3.81 24.88
CA GLU B 506 21.20 -4.30 23.99
C GLU B 506 22.10 -3.18 23.52
N SER B 507 21.50 -2.11 22.97
CA SER B 507 22.26 -0.94 22.53
C SER B 507 21.26 0.20 22.30
N THR B 508 21.80 1.36 21.92
CA THR B 508 21.00 2.53 21.58
C THR B 508 21.48 3.04 20.23
N ARG B 509 20.66 2.84 19.19
CA ARG B 509 21.01 3.28 17.85
C ARG B 509 20.30 4.58 17.51
N ILE B 510 20.48 5.02 16.27
CA ILE B 510 19.86 6.25 15.78
C ILE B 510 19.34 5.98 14.37
N MET B 511 18.08 6.31 14.14
CA MET B 511 17.36 5.87 12.95
C MET B 511 16.57 7.01 12.35
N THR B 512 15.98 6.75 11.18
CA THR B 512 15.28 7.77 10.41
C THR B 512 13.90 7.26 10.01
N LYS B 513 12.94 8.20 9.97
CA LYS B 513 11.59 7.95 9.47
C LYS B 513 10.94 6.73 10.11
N LEU B 514 10.42 6.90 11.32
CA LEU B 514 9.81 5.79 12.05
C LEU B 514 8.47 5.42 11.43
N ARG B 515 8.28 4.12 11.18
CA ARG B 515 7.06 3.56 10.60
C ARG B 515 6.53 4.44 9.46
N ALA B 516 7.42 4.80 8.54
CA ALA B 516 7.05 5.75 7.49
C ALA B 516 5.98 5.16 6.56
N GLN B 517 6.18 3.92 6.12
CA GLN B 517 5.22 3.31 5.20
C GLN B 517 3.85 3.16 5.86
N GLN B 518 3.83 2.82 7.15
CA GLN B 518 2.54 2.68 7.84
C GLN B 518 1.89 4.04 8.10
N CYS B 519 2.68 5.02 8.54
CA CYS B 519 2.11 6.30 8.94
C CYS B 519 1.60 7.10 7.76
N ARG B 520 2.18 6.89 6.57
CA ARG B 520 1.68 7.59 5.39
C ARG B 520 0.24 7.17 5.07
N PHE B 521 -0.13 5.94 5.42
CA PHE B 521 -1.51 5.51 5.25
C PHE B 521 -2.45 6.30 6.14
N TRP B 522 -2.09 6.47 7.41
CA TRP B 522 -2.99 7.09 8.38
C TRP B 522 -3.10 8.59 8.20
N THR B 523 -2.11 9.24 7.58
CA THR B 523 -2.14 10.68 7.41
C THR B 523 -2.54 11.12 6.01
N SER B 524 -2.34 10.28 4.99
CA SER B 524 -2.57 10.67 3.61
C SER B 524 -3.67 9.91 2.90
N PHE B 525 -4.16 8.81 3.45
CA PHE B 525 -5.21 8.06 2.76
C PHE B 525 -6.43 7.80 3.65
N PHE B 526 -6.20 7.31 4.86
CA PHE B 526 -7.33 7.00 5.74
C PHE B 526 -8.29 8.17 5.98
N PRO B 527 -7.86 9.44 6.05
CA PRO B 527 -8.84 10.52 6.18
C PRO B 527 -9.72 10.75 4.96
N LYS B 528 -9.63 9.89 3.94
CA LYS B 528 -10.50 9.97 2.78
C LYS B 528 -11.46 8.80 2.65
N VAL B 529 -11.35 7.79 3.52
CA VAL B 529 -12.24 6.64 3.50
C VAL B 529 -13.62 7.01 4.03
C1 NAG C . 5.36 -18.98 -61.15
C2 NAG C . 4.23 -18.63 -62.09
C3 NAG C . 4.40 -19.38 -63.40
C4 NAG C . 5.59 -18.81 -64.15
C5 NAG C . 6.83 -18.74 -63.26
C6 NAG C . 7.46 -17.36 -63.15
C7 NAG C . 1.85 -18.23 -61.63
C8 NAG C . 0.63 -18.73 -60.92
N2 NAG C . 2.95 -18.96 -61.48
O3 NAG C . 3.20 -19.24 -64.14
O4 NAG C . 5.95 -19.67 -65.23
O5 NAG C . 6.62 -19.22 -61.91
O6 NAG C . 8.81 -17.38 -63.56
O7 NAG C . 1.83 -17.21 -62.32
C1 NAG C . 5.07 -19.70 -66.39
C2 NAG C . 4.95 -18.34 -67.11
C3 NAG C . 5.91 -18.24 -68.31
C4 NAG C . 7.14 -19.09 -68.05
C5 NAG C . 6.74 -20.56 -68.01
C6 NAG C . 7.75 -21.42 -67.29
C7 NAG C . 2.74 -18.59 -68.36
C8 NAG C . 3.25 -19.80 -69.09
N2 NAG C . 3.57 -17.98 -67.48
O3 NAG C . 6.28 -16.88 -68.50
O4 NAG C . 8.10 -18.89 -69.09
O5 NAG C . 5.49 -20.73 -67.33
O6 NAG C . 9.08 -21.06 -67.64
O7 NAG C . 1.62 -18.15 -68.56
C1 FUC C . 9.52 -18.56 -63.08
C2 FUC C . 10.87 -18.20 -62.47
C3 FUC C . 11.49 -19.46 -61.82
C4 FUC C . 11.54 -20.63 -62.83
C5 FUC C . 10.20 -20.82 -63.54
C6 FUC C . 10.28 -21.77 -64.73
O2 FUC C . 10.78 -17.14 -61.53
O3 FUC C . 12.84 -19.18 -61.42
O4 FUC C . 12.58 -20.43 -63.78
O5 FUC C . 9.67 -19.56 -64.05
C1 NAG D . 11.44 -36.25 -36.16
C2 NAG D . 11.50 -37.67 -36.70
C3 NAG D . 10.34 -38.51 -36.14
C4 NAG D . 10.22 -38.37 -34.63
C5 NAG D . 10.30 -36.91 -34.20
C6 NAG D . 10.39 -36.72 -32.70
C7 NAG D . 12.54 -37.81 -38.92
C8 NAG D . 12.32 -37.77 -40.40
N2 NAG D . 11.46 -37.67 -38.15
O3 NAG D . 10.56 -39.87 -36.49
O4 NAG D . 8.94 -38.90 -34.28
O5 NAG D . 11.45 -36.28 -34.76
O6 NAG D . 10.96 -35.46 -32.36
O7 NAG D . 13.66 -37.96 -38.44
C1 NAG D . 8.82 -39.72 -33.09
C2 NAG D . 8.30 -41.11 -33.40
C3 NAG D . 8.11 -41.91 -32.10
C4 NAG D . 8.30 -41.04 -30.86
C5 NAG D . 9.54 -40.13 -30.90
C6 NAG D . 10.75 -40.76 -30.24
C7 NAG D . 6.72 -41.92 -35.11
C8 NAG D . 7.73 -43.00 -35.41
N2 NAG D . 7.05 -41.06 -34.14
O3 NAG D . 9.03 -42.99 -32.08
O4 NAG D . 7.13 -40.26 -30.61
O5 NAG D . 9.92 -39.81 -32.25
O6 NAG D . 11.29 -39.90 -29.24
O7 NAG D . 5.66 -41.84 -35.73
C1 NAG E . 20.45 -26.95 -23.32
C2 NAG E . 21.50 -27.54 -24.26
C3 NAG E . 21.00 -28.87 -24.80
C4 NAG E . 20.61 -29.82 -23.67
C5 NAG E . 19.70 -29.12 -22.65
C6 NAG E . 19.55 -29.90 -21.36
C7 NAG E . 23.04 -26.10 -25.51
C8 NAG E . 23.19 -25.18 -26.69
N2 NAG E . 21.81 -26.62 -25.34
O3 NAG E . 22.03 -29.45 -25.60
O4 NAG E . 19.84 -30.92 -24.18
O5 NAG E . 20.22 -27.84 -22.27
O6 NAG E . 19.59 -31.30 -21.58
O7 NAG E . 23.96 -26.35 -24.76
C1 NAG E . 20.55 -32.00 -24.80
C2 NAG E . 19.62 -33.24 -24.80
C3 NAG E . 20.20 -34.36 -25.67
C4 NAG E . 20.57 -33.85 -27.05
C5 NAG E . 21.53 -32.66 -26.91
C6 NAG E . 21.91 -32.05 -28.24
C7 NAG E . 18.21 -33.53 -22.80
C8 NAG E . 18.13 -34.10 -21.42
N2 NAG E . 19.37 -33.71 -23.46
O3 NAG E . 19.25 -35.41 -25.77
O4 NAG E . 21.21 -34.88 -27.80
O5 NAG E . 20.88 -31.64 -26.14
O6 NAG E . 23.12 -31.32 -28.15
O7 NAG E . 17.28 -32.89 -23.30
C1 NAG F . 31.98 -15.11 -21.74
C2 NAG F . 31.21 -13.84 -21.26
C3 NAG F . 32.12 -12.59 -21.21
C4 NAG F . 33.46 -12.89 -20.56
C5 NAG F . 34.09 -14.06 -21.29
C6 NAG F . 35.46 -14.43 -20.77
C7 NAG F . 28.88 -14.11 -22.04
C8 NAG F . 27.87 -13.69 -23.06
N2 NAG F . 30.09 -13.57 -22.16
O3 NAG F . 31.47 -11.54 -20.50
O4 NAG F . 34.33 -11.76 -20.67
O5 NAG F . 33.25 -15.19 -21.07
O6 NAG F . 35.77 -15.79 -21.05
O7 NAG F . 28.61 -14.88 -21.13
C1 FUC F . 35.61 -16.63 -19.88
C2 FUC F . 35.43 -15.83 -18.54
C3 FUC F . 36.40 -16.24 -17.39
C4 FUC F . 36.96 -17.69 -17.46
C5 FUC F . 36.52 -18.42 -18.74
C6 FUC F . 37.40 -19.62 -19.07
O2 FUC F . 34.07 -15.83 -18.10
O3 FUC F . 37.51 -15.33 -17.33
O4 FUC F . 38.38 -17.65 -17.41
O5 FUC F . 36.62 -17.56 -19.83
C1 NAG G . -34.16 27.53 33.34
C2 NAG G . -34.64 28.89 33.13
C3 NAG G . -35.38 29.31 34.38
C4 NAG G . -36.44 28.28 34.74
C5 NAG G . -36.12 26.81 34.33
C6 NAG G . -37.35 26.03 33.99
C7 NAG G . -33.37 30.43 31.71
C8 NAG G . -34.48 30.23 30.71
N2 NAG G . -33.51 29.77 32.86
O3 NAG G . -35.94 30.61 34.22
O4 NAG G . -36.57 28.25 36.16
O5 NAG G . -35.20 26.67 33.24
O6 NAG G . -38.39 26.28 34.92
O7 NAG G . -32.42 31.16 31.48
C1 NAG G . -37.52 29.18 36.70
C2 NAG G . -38.33 28.41 37.73
C3 NAG G . -39.09 29.36 38.70
C4 NAG G . -38.86 30.86 38.51
C5 NAG G . -37.75 31.27 37.54
C6 NAG G . -36.91 32.41 38.06
C7 NAG G . -40.06 26.65 37.74
C8 NAG G . -40.94 25.79 36.88
N2 NAG G . -39.25 27.49 37.08
O3 NAG G . -38.76 28.99 40.03
O4 NAG G . -40.08 31.48 38.11
O5 NAG G . -36.86 30.19 37.30
O6 NAG G . -35.73 31.93 38.68
O7 NAG G . -40.08 26.58 38.96
C1 NAG H . -26.24 11.37 19.77
C2 NAG H . -25.63 10.34 18.82
C3 NAG H . -26.74 9.55 18.11
C4 NAG H . -27.70 8.96 19.13
C5 NAG H . -28.16 9.99 20.17
C6 NAG H . -28.86 9.33 21.34
C7 NAG H . -24.83 11.81 16.90
C8 NAG H . -26.23 12.36 16.70
N2 NAG H . -24.66 10.89 17.87
O3 NAG H . -26.15 8.53 17.33
O4 NAG H . -28.86 8.48 18.45
O5 NAG H . -27.05 10.71 20.73
O6 NAG H . -27.91 8.75 22.21
O7 NAG H . -23.90 12.17 16.20
C1 NAG H . -28.85 7.05 18.25
C2 NAG H . -30.31 6.58 18.12
C3 NAG H . -30.35 5.09 17.82
C4 NAG H . -29.50 4.76 16.61
C5 NAG H . -28.09 5.28 16.80
C6 NAG H . -27.22 5.10 15.57
C7 NAG H . -31.65 8.06 19.53
C8 NAG H . -32.39 8.21 20.84
N2 NAG H . -31.06 6.89 19.33
O3 NAG H . -31.71 4.71 17.59
O4 NAG H . -29.47 3.35 16.40
O5 NAG H . -28.12 6.69 17.07
O6 NAG H . -25.84 5.10 15.91
O7 NAG H . -31.60 8.98 18.71
C1 FUC H . -28.42 7.56 22.85
C2 FUC H . -28.82 7.98 24.28
C3 FUC H . -28.91 6.80 25.26
C4 FUC H . -27.70 5.88 25.12
C5 FUC H . -27.61 5.41 23.67
C6 FUC H . -26.43 4.49 23.42
O2 FUC H . -30.03 8.72 24.29
O3 FUC H . -28.90 7.30 26.59
O4 FUC H . -26.51 6.58 25.46
O5 FUC H . -27.45 6.53 22.79
C1 NAG I . 19.05 -21.98 -54.00
C2 NAG I . 19.71 -22.26 -55.35
C3 NAG I . 20.45 -23.59 -55.31
C4 NAG I . 21.62 -23.47 -54.36
C5 NAG I . 21.18 -22.92 -53.00
C6 NAG I . 21.81 -21.60 -52.66
C7 NAG I . 18.55 -21.23 -57.26
C8 NAG I . 19.44 -20.05 -57.05
N2 NAG I . 18.73 -22.26 -56.42
O3 NAG I . 20.91 -23.91 -56.61
O4 NAG I . 22.23 -24.74 -54.17
O5 NAG I . 19.75 -22.75 -52.93
O6 NAG I . 23.22 -21.72 -52.47
O7 NAG I . 17.70 -21.25 -58.15
C1 NAG J . 2.91 18.47 -24.75
C2 NAG J . 2.78 19.73 -23.93
C3 NAG J . 1.30 20.09 -23.81
C4 NAG J . 0.65 20.17 -25.19
C5 NAG J . 1.00 18.95 -26.05
C6 NAG J . 0.57 19.10 -27.49
C7 NAG J . 4.22 20.49 -22.10
C8 NAG J . 4.77 20.17 -20.74
N2 NAG J . 3.38 19.58 -22.63
O3 NAG J . 1.16 21.32 -23.12
O4 NAG J . -0.76 20.26 -25.05
O5 NAG J . 2.41 18.69 -26.06
O6 NAG J . 1.46 19.95 -28.21
O7 NAG J . 4.52 21.51 -22.70
N1 TFX K . -4.08 -0.52 -32.87
S1 TFX K . -5.89 -0.13 -31.35
C2 TFX K . -3.92 -2.99 -28.04
N2 TFX K . -3.65 -3.75 -26.83
C3 TFX K . -2.92 -2.85 -28.98
C4 TFX K . -3.17 -2.14 -30.14
C5 TFX K . -4.39 -1.56 -30.39
C6 TFX K . -5.41 -1.72 -29.45
C7 TFX K . -5.16 -2.43 -28.28
C8 TFX K . -4.56 -0.87 -31.59
C9 TFX K . -5.09 0.47 -33.55
C10 TFX K . -6.16 0.69 -32.63
C11 TFX K . -7.20 1.54 -33.00
C12 TFX K . -7.18 2.17 -34.26
C13 TFX K . -6.11 1.93 -35.15
C14 TFX K . -5.08 1.08 -34.78
C15 TFX K . -2.32 -4.28 -26.60
C16 TFX K . -4.69 -3.98 -25.85
C17 TFX K . -2.86 -0.97 -33.51
C18 TFX K . -8.33 3.09 -34.67
N1 TFX L . -3.01 2.41 -29.30
S1 TFX L . -2.27 2.36 -31.57
C2 TFX L . 1.27 -0.65 -30.72
N2 TFX L . 2.34 -1.58 -30.98
C3 TFX L . 1.41 0.45 -29.88
C4 TFX L . 0.35 1.33 -29.66
C5 TFX L . -0.87 1.10 -30.30
C6 TFX L . -0.99 0.00 -31.11
C7 TFX L . 0.05 -0.87 -31.34
C8 TFX L . -2.00 1.89 -30.13
C9 TFX L . -4.00 3.27 -30.16
C10 TFX L . -3.54 3.23 -31.51
C11 TFX L . -4.26 3.93 -32.47
C12 TFX L . -5.40 4.65 -32.10
C13 TFX L . -5.84 4.68 -30.77
C14 TFX L . -5.12 3.98 -29.79
C15 TFX L . 2.03 -2.89 -31.54
C16 TFX L . 3.72 -1.24 -30.65
C17 TFX L . -3.15 2.22 -27.88
C18 TFX L . -6.18 5.42 -33.16
CL CL M . 20.53 -27.95 -33.28
C1 NAG N . 0.56 17.31 61.88
C2 NAG N . -0.83 17.11 62.52
C3 NAG N . -0.75 16.89 64.03
C4 NAG N . 0.40 15.96 64.41
C5 NAG N . 1.65 16.35 63.65
C6 NAG N . 2.83 15.46 63.91
C7 NAG N . -3.01 18.30 62.51
C8 NAG N . -3.71 19.57 62.14
N2 NAG N . -1.70 18.26 62.22
O3 NAG N . -1.97 16.30 64.46
O4 NAG N . 0.67 16.06 65.81
O5 NAG N . 1.35 16.26 62.25
O6 NAG N . 3.17 15.49 65.29
O7 NAG N . -3.59 17.36 63.04
C1 NAG O . 17.13 30.74 39.89
C2 NAG O . 18.01 31.89 40.08
C3 NAG O . 17.61 32.98 39.19
C4 NAG O . 17.82 32.54 37.73
C5 NAG O . 17.18 31.21 37.34
C6 NAG O . 17.93 30.52 36.22
C7 NAG O . 17.30 32.63 42.43
C8 NAG O . 15.87 32.75 42.00
N2 NAG O . 18.21 32.23 41.48
O3 NAG O . 18.46 34.11 39.41
O4 NAG O . 17.33 33.56 36.87
O5 NAG O . 17.23 30.23 38.42
O6 NAG O . 17.30 30.46 34.95
O7 NAG O . 17.65 32.89 43.62
C1 NAG P . -8.56 -16.87 23.77
C2 NAG P . -8.99 -18.06 22.97
C3 NAG P . -10.37 -17.79 22.41
C4 NAG P . -11.32 -17.38 23.52
C5 NAG P . -10.71 -16.36 24.51
C6 NAG P . -11.49 -16.24 25.79
C7 NAG P . -7.12 -19.34 22.00
C8 NAG P . -7.14 -20.14 23.27
N2 NAG P . -8.03 -18.36 21.92
O3 NAG P . -10.85 -18.94 21.74
O4 NAG P . -12.48 -16.77 22.95
O5 NAG P . -9.37 -16.73 24.88
O6 NAG P . -10.83 -16.92 26.85
O7 NAG P . -6.32 -19.56 21.10
C1 NAG Q . 11.38 -10.27 44.57
C2 NAG Q . 10.25 -9.54 45.17
C3 NAG Q . 9.97 -10.13 46.47
C4 NAG Q . 9.31 -11.47 46.19
C5 NAG Q . 10.25 -12.46 45.55
C6 NAG Q . 9.50 -13.65 44.94
C7 NAG Q . 9.58 -7.22 45.10
C8 NAG Q . 8.18 -7.76 44.97
N2 NAG Q . 10.50 -8.15 45.22
O3 NAG Q . 9.11 -9.27 47.19
O4 NAG Q . 8.94 -12.03 47.41
O5 NAG Q . 11.00 -11.80 44.46
O6 NAG Q . 9.69 -14.23 43.64
O7 NAG Q . 9.81 -6.00 45.12
C1 NAG R . 24.84 18.90 27.97
C2 NAG R . 26.24 18.76 28.51
C3 NAG R . 26.40 19.66 29.73
C4 NAG R . 26.07 21.10 29.35
C5 NAG R . 24.75 21.21 28.57
C6 NAG R . 24.60 22.54 27.87
C7 NAG R . 27.64 16.69 28.91
C8 NAG R . 28.90 17.50 28.88
N2 NAG R . 26.47 17.35 28.81
O3 NAG R . 27.73 19.66 30.25
O4 NAG R . 26.02 21.91 30.51
O5 NAG R . 24.63 20.21 27.54
O6 NAG R . 24.25 22.32 26.51
O7 NAG R . 27.66 15.48 29.06
N1 TFX S . -9.32 3.45 31.60
S1 TFX S . -10.73 3.32 29.66
C2 TFX S . -7.29 5.50 27.06
N2 TFX S . -6.53 6.11 25.98
C3 TFX S . -6.61 5.04 28.18
C4 TFX S . -7.34 4.47 29.22
C5 TFX S . -8.72 4.33 29.13
C6 TFX S . -9.38 4.80 28.02
C7 TFX S . -8.67 5.38 26.98
C8 TFX S . -9.36 3.76 30.23
C9 TFX S . -10.67 2.77 32.02
C10 TFX S . -11.50 2.70 30.86
C11 TFX S . -12.75 2.12 30.98
C12 TFX S . -13.18 1.64 32.22
C13 TFX S . -12.36 1.71 33.35
C14 TFX S . -11.10 2.29 33.24
C15 TFX S . -5.41 6.98 26.30
C16 TFX S . -6.90 5.89 24.60
C17 TFX S . -8.22 3.71 32.50
C18 TFX S . -14.58 1.02 32.35
N1 TFX T . -9.20 0.07 28.39
S1 TFX T . -8.94 -0.44 30.72
C2 TFX T . -4.49 1.35 30.67
N2 TFX T . -3.22 1.84 31.14
C3 TFX T . -5.64 1.86 31.22
C4 TFX T . -6.87 1.41 30.80
C5 TFX T . -6.99 0.44 29.83
C6 TFX T . -5.85 -0.07 29.24
C7 TFX T . -4.60 0.38 29.67
C8 TFX T . -8.27 0.08 29.43
C9 TFX T . -10.56 -0.50 28.92
C10 TFX T . -10.39 -0.81 30.31
C11 TFX T . -11.47 -1.34 31.01
C12 TFX T . -12.69 -1.57 30.36
C13 TFX T . -12.84 -1.27 28.99
C14 TFX T . -11.76 -0.74 28.28
C15 TFX T . -1.97 1.37 30.57
C16 TFX T . -3.18 2.86 32.17
C17 TFX T . -8.93 0.50 27.04
C18 TFX T . -13.87 -2.16 31.13
CL CL U . 5.26 -9.38 19.90
#